data_7JYX
#
_entry.id   7JYX
#
_cell.length_a   89.678
_cell.length_b   43.645
_cell.length_c   236.491
_cell.angle_alpha   90.000
_cell.angle_beta   95.560
_cell.angle_gamma   90.000
#
_symmetry.space_group_name_H-M   'I 1 2 1'
#
loop_
_entity.id
_entity.type
_entity.pdbx_description
1 polymer 'MHC class I antigen'
2 polymer Beta-2-microglobulin
3 polymer 'PB2 peptide from Influenza, TYQWIIRNWET'
4 water water
#
loop_
_entity_poly.entity_id
_entity_poly.type
_entity_poly.pdbx_seq_one_letter_code
_entity_poly.pdbx_strand_id
1 'polypeptide(L)'
;GSHSMRYFSTSVSRPGRGEPRFIAVGYVDDTQFVRFDSDAASQRMEPRAPWIEQEGPEYWDEETGKVKAHSQTDRENLRI
ALRYYNQSEAGSHTLQMMFGCDVGSDGRFLRGYHQYAYDGKDYIALKEDLRSWTAADMAAQITKRKWEAAHVAEQQRAYL
EGTCVDGLRRYLENGKETLQRTDPPKTHMTHHPISDHEATLRCWALGFYPAEITLTWQRDGEDQTQDTELVETRPAGDGT
FQKWAAVVVPSGEEQRYTCHVQHEGLPKPLTLRWEPSS
;
A,D
2 'polypeptide(L)'
;MIQRTPKIQVYSRHPAENGKSNFLNCYVSGFHPSDIEVDLLKNGERIEKVEHSDLSFSKDWSFYLLYYTEFTPTEKDEYA
CRVNHVTLSQPKIVKWDRDM
;
B,E
3 'polypeptide(L)' TYQWIIRNWET C,F
#
# COMPACT_ATOMS: atom_id res chain seq x y z
N GLY A 1 -2.10 -4.80 5.66
CA GLY A 1 -2.21 -3.46 5.09
C GLY A 1 -1.03 -2.60 5.50
N SER A 2 -1.17 -1.27 5.39
CA SER A 2 -0.07 -0.39 5.81
C SER A 2 0.10 -0.45 7.35
N HIS A 3 1.32 -0.20 7.82
CA HIS A 3 1.63 -0.25 9.25
C HIS A 3 2.47 0.93 9.67
N SER A 4 2.60 1.16 10.99
CA SER A 4 3.37 2.28 11.55
C SER A 4 3.94 2.02 12.94
N MET A 5 5.10 2.60 13.21
CA MET A 5 5.75 2.55 14.50
C MET A 5 5.88 3.99 14.93
N ARG A 6 5.64 4.24 16.24
CA ARG A 6 5.74 5.57 16.80
C ARG A 6 6.22 5.54 18.20
N TYR A 7 7.06 6.52 18.52
CA TYR A 7 7.51 6.73 19.87
C TYR A 7 7.14 8.16 20.25
N PHE A 8 6.33 8.31 21.30
CA PHE A 8 5.85 9.59 21.80
C PHE A 8 6.50 9.78 23.15
N SER A 9 7.26 10.89 23.34
CA SER A 9 7.95 11.13 24.61
C SER A 9 7.78 12.57 25.04
N THR A 10 7.47 12.79 26.34
CA THR A 10 7.19 14.10 26.92
C THR A 10 8.15 14.39 28.03
N SER A 11 8.63 15.60 28.09
CA SER A 11 9.53 16.01 29.15
C SER A 11 8.93 17.26 29.77
N VAL A 12 8.57 17.21 31.07
CA VAL A 12 8.00 18.34 31.81
C VAL A 12 8.94 18.76 32.94
N SER A 13 9.43 20.02 32.93
CA SER A 13 10.31 20.49 33.99
C SER A 13 9.54 20.75 35.27
N ARG A 14 10.21 20.52 36.40
CA ARG A 14 9.62 20.74 37.72
C ARG A 14 10.62 21.61 38.48
N PRO A 15 10.59 22.93 38.22
CA PRO A 15 11.56 23.83 38.87
C PRO A 15 11.56 23.68 40.38
N GLY A 16 12.71 23.33 40.93
CA GLY A 16 12.86 23.14 42.37
C GLY A 16 12.33 21.84 42.91
N ARG A 17 11.63 21.08 42.06
CA ARG A 17 11.07 19.78 42.39
C ARG A 17 11.83 18.64 41.67
N GLY A 18 13.14 18.83 41.50
CA GLY A 18 14.03 17.85 40.88
C GLY A 18 14.36 18.01 39.41
N GLU A 19 14.44 16.87 38.71
CA GLU A 19 14.77 16.84 37.29
C GLU A 19 13.51 16.63 36.47
N PRO A 20 13.35 17.33 35.32
CA PRO A 20 12.13 17.14 34.49
C PRO A 20 11.66 15.70 34.30
N ARG A 21 10.35 15.41 34.46
CA ARG A 21 9.79 14.06 34.29
C ARG A 21 9.81 13.61 32.83
N PHE A 22 10.32 12.41 32.60
CA PHE A 22 10.41 11.85 31.25
C PHE A 22 9.52 10.61 31.13
N ILE A 23 8.50 10.70 30.29
CA ILE A 23 7.59 9.60 30.01
C ILE A 23 7.68 9.33 28.49
N ALA A 24 8.19 8.14 28.07
CA ALA A 24 8.30 7.68 26.67
C ALA A 24 7.44 6.42 26.42
N VAL A 25 6.63 6.46 25.36
CA VAL A 25 5.74 5.36 24.97
C VAL A 25 5.92 4.98 23.51
N GLY A 26 5.86 3.69 23.23
CA GLY A 26 5.99 3.19 21.87
C GLY A 26 4.73 2.50 21.48
N TYR A 27 4.38 2.61 20.21
CA TYR A 27 3.17 2.03 19.63
C TYR A 27 3.51 1.36 18.32
N VAL A 28 2.74 0.35 17.97
CA VAL A 28 2.73 -0.32 16.69
C VAL A 28 1.26 -0.10 16.34
N ASP A 29 1.01 0.74 15.34
CA ASP A 29 -0.34 1.19 14.99
C ASP A 29 -1.00 1.77 16.26
N ASP A 30 -1.97 1.08 16.87
CA ASP A 30 -2.61 1.61 18.09
C ASP A 30 -2.31 0.80 19.36
N THR A 31 -1.24 0.00 19.33
CA THR A 31 -0.86 -0.88 20.42
C THR A 31 0.36 -0.39 21.23
N GLN A 32 0.11 0.24 22.41
CA GLN A 32 1.19 0.63 23.31
C GLN A 32 1.90 -0.68 23.60
N PHE A 33 3.20 -0.75 23.22
CA PHE A 33 3.95 -1.98 23.38
C PHE A 33 5.14 -1.86 24.30
N VAL A 34 5.57 -0.61 24.57
CA VAL A 34 6.69 -0.25 25.47
C VAL A 34 6.35 0.97 26.33
N ARG A 35 7.10 1.15 27.40
CA ARG A 35 6.90 2.23 28.36
C ARG A 35 8.21 2.60 28.99
N PHE A 36 8.40 3.88 29.24
CA PHE A 36 9.51 4.40 30.02
C PHE A 36 9.04 5.60 30.80
N ASP A 37 9.30 5.60 32.12
CA ASP A 37 8.92 6.69 33.04
C ASP A 37 10.07 6.90 34.03
N SER A 38 10.60 8.14 34.06
CA SER A 38 11.72 8.52 34.93
C SER A 38 11.34 8.40 36.41
N ASP A 39 10.15 8.86 36.80
CA ASP A 39 9.65 8.80 38.16
C ASP A 39 9.27 7.40 38.63
N ALA A 40 9.18 6.42 37.71
CA ALA A 40 8.79 5.04 38.04
C ALA A 40 9.96 4.20 38.62
N ALA A 41 9.61 3.29 39.57
CA ALA A 41 10.46 2.35 40.31
C ALA A 41 11.48 1.59 39.46
N SER A 42 10.99 1.05 38.31
CA SER A 42 11.68 0.22 37.33
C SER A 42 12.99 0.79 36.81
N GLN A 43 13.01 2.07 36.33
CA GLN A 43 14.20 2.73 35.78
C GLN A 43 14.81 1.92 34.62
N ARG A 44 13.93 1.34 33.81
CA ARG A 44 14.24 0.51 32.65
C ARG A 44 13.11 0.60 31.63
N MET A 45 13.35 0.15 30.39
CA MET A 45 12.29 0.15 29.39
C MET A 45 11.43 -1.08 29.73
N GLU A 46 10.10 -0.89 29.87
CA GLU A 46 9.15 -1.93 30.29
C GLU A 46 8.24 -2.42 29.16
N PRO A 47 7.77 -3.69 29.21
CA PRO A 47 6.83 -4.18 28.17
C PRO A 47 5.38 -3.78 28.42
N ARG A 48 4.58 -3.59 27.35
N ARG A 48 4.58 -3.60 27.34
CA ARG A 48 3.14 -3.24 27.48
CA ARG A 48 3.16 -3.22 27.44
C ARG A 48 2.24 -4.10 26.57
C ARG A 48 2.25 -4.08 26.53
N ALA A 49 2.86 -5.03 25.83
CA ALA A 49 2.22 -5.98 24.93
C ALA A 49 2.87 -7.37 25.21
N PRO A 50 2.11 -8.49 25.13
CA PRO A 50 2.72 -9.79 25.43
C PRO A 50 3.84 -10.23 24.48
N TRP A 51 3.73 -9.86 23.17
CA TRP A 51 4.66 -10.22 22.11
C TRP A 51 6.04 -9.53 22.19
N ILE A 52 6.23 -8.60 23.14
CA ILE A 52 7.52 -7.96 23.29
C ILE A 52 8.34 -8.64 24.40
N GLU A 53 7.70 -9.47 25.25
CA GLU A 53 8.43 -10.17 26.30
C GLU A 53 9.42 -11.19 25.75
N GLN A 54 9.15 -11.71 24.52
CA GLN A 54 10.01 -12.69 23.86
C GLN A 54 11.38 -12.12 23.45
N GLU A 55 11.60 -10.82 23.70
CA GLU A 55 12.87 -10.16 23.42
C GLU A 55 13.78 -10.40 24.63
N GLY A 56 15.00 -10.82 24.38
CA GLY A 56 15.95 -11.16 25.44
C GLY A 56 16.38 -10.03 26.34
N PRO A 57 17.20 -10.31 27.39
CA PRO A 57 17.70 -9.20 28.25
C PRO A 57 18.48 -8.16 27.46
N GLU A 58 19.17 -8.57 26.34
CA GLU A 58 19.96 -7.72 25.45
C GLU A 58 19.12 -6.58 24.88
N TYR A 59 17.89 -6.90 24.43
CA TYR A 59 16.96 -5.91 23.88
C TYR A 59 16.67 -4.87 24.95
N TRP A 60 16.14 -5.30 26.11
CA TRP A 60 15.82 -4.45 27.24
C TRP A 60 17.02 -3.70 27.80
N ASP A 61 18.24 -4.24 27.66
CA ASP A 61 19.46 -3.56 28.11
C ASP A 61 19.70 -2.32 27.23
N GLU A 62 19.68 -2.52 25.88
CA GLU A 62 19.91 -1.52 24.83
C GLU A 62 18.82 -0.48 24.82
N GLU A 63 17.55 -0.93 24.85
CA GLU A 63 16.39 -0.05 24.79
C GLU A 63 16.34 0.91 25.98
N THR A 64 16.67 0.42 27.19
CA THR A 64 16.79 1.23 28.41
C THR A 64 17.90 2.30 28.22
N GLY A 65 19.01 1.90 27.58
CA GLY A 65 20.15 2.76 27.30
C GLY A 65 19.85 3.97 26.44
N LYS A 66 19.25 3.72 25.25
CA LYS A 66 18.84 4.73 24.25
C LYS A 66 17.87 5.77 24.81
N VAL A 67 16.88 5.28 25.59
CA VAL A 67 15.81 6.06 26.15
C VAL A 67 16.31 6.95 27.29
N LYS A 68 17.31 6.48 28.08
CA LYS A 68 17.88 7.29 29.17
C LYS A 68 18.74 8.39 28.55
N ALA A 69 19.32 8.13 27.35
CA ALA A 69 20.08 9.14 26.62
C ALA A 69 19.10 10.19 26.08
N HIS A 70 18.02 9.76 25.38
CA HIS A 70 17.03 10.71 24.88
C HIS A 70 16.52 11.61 26.00
N SER A 71 16.33 11.01 27.20
CA SER A 71 15.92 11.71 28.41
C SER A 71 16.89 12.86 28.73
N GLN A 72 18.21 12.60 28.66
CA GLN A 72 19.25 13.61 28.87
C GLN A 72 19.26 14.70 27.78
N THR A 73 19.19 14.33 26.47
CA THR A 73 19.15 15.33 25.38
C THR A 73 17.99 16.31 25.56
N ASP A 74 16.77 15.81 25.90
CA ASP A 74 15.62 16.69 26.15
C ASP A 74 15.76 17.47 27.46
N ARG A 75 16.53 16.95 28.45
CA ARG A 75 16.77 17.66 29.74
C ARG A 75 17.57 18.89 29.36
N GLU A 76 18.67 18.64 28.58
CA GLU A 76 19.59 19.59 27.95
C GLU A 76 18.75 20.61 27.12
N ASN A 77 17.88 20.11 26.22
CA ASN A 77 17.00 20.90 25.35
C ASN A 77 16.01 21.82 26.07
N LEU A 78 15.55 21.47 27.27
CA LEU A 78 14.59 22.32 28.00
C LEU A 78 15.30 23.54 28.57
N ARG A 79 16.56 23.39 29.03
CA ARG A 79 17.38 24.49 29.54
C ARG A 79 17.74 25.44 28.40
N ILE A 80 18.10 24.87 27.22
CA ILE A 80 18.44 25.59 25.99
C ILE A 80 17.25 26.42 25.57
N ALA A 81 16.03 25.82 25.54
CA ALA A 81 14.78 26.47 25.13
C ALA A 81 14.48 27.75 25.90
N LEU A 82 14.85 27.77 27.21
CA LEU A 82 14.68 28.94 28.09
C LEU A 82 15.56 30.05 27.58
N ARG A 83 16.76 29.70 27.09
CA ARG A 83 17.68 30.69 26.57
C ARG A 83 17.13 31.27 25.27
N TYR A 84 16.72 30.41 24.32
CA TYR A 84 16.21 30.81 23.01
C TYR A 84 14.89 31.59 23.05
N TYR A 85 13.99 31.29 24.02
CA TYR A 85 12.72 32.00 24.17
C TYR A 85 12.73 33.05 25.25
N ASN A 86 13.91 33.32 25.83
CA ASN A 86 14.16 34.29 26.90
C ASN A 86 13.19 34.11 28.06
N GLN A 87 13.25 32.91 28.66
CA GLN A 87 12.40 32.51 29.77
C GLN A 87 13.19 32.21 31.06
N SER A 88 12.47 32.22 32.20
CA SER A 88 12.96 32.02 33.57
C SER A 88 13.10 30.55 33.96
N GLU A 89 13.84 30.29 35.06
CA GLU A 89 14.01 28.94 35.58
C GLU A 89 12.75 28.53 36.36
N ALA A 90 12.11 29.50 37.02
CA ALA A 90 10.91 29.33 37.88
C ALA A 90 9.67 28.69 37.22
N GLY A 91 9.60 28.74 35.88
CA GLY A 91 8.49 28.21 35.10
C GLY A 91 8.66 26.75 34.72
N SER A 92 7.52 26.06 34.53
CA SER A 92 7.44 24.65 34.15
C SER A 92 7.11 24.58 32.67
N HIS A 93 7.96 23.89 31.90
CA HIS A 93 7.81 23.80 30.46
C HIS A 93 7.74 22.37 29.93
N THR A 94 7.04 22.21 28.80
CA THR A 94 6.85 20.92 28.15
C THR A 94 7.65 20.80 26.86
N LEU A 95 8.30 19.66 26.66
CA LEU A 95 9.05 19.36 25.46
C LEU A 95 8.61 18.00 24.98
N GLN A 96 7.90 17.94 23.85
CA GLN A 96 7.40 16.67 23.31
C GLN A 96 8.17 16.27 22.11
N MET A 97 8.32 14.96 21.92
CA MET A 97 9.06 14.40 20.80
C MET A 97 8.34 13.23 20.21
N MET A 98 8.32 13.18 18.88
CA MET A 98 7.67 12.13 18.12
C MET A 98 8.56 11.68 16.96
N PHE A 99 8.76 10.38 16.87
CA PHE A 99 9.57 9.76 15.84
C PHE A 99 9.08 8.34 15.50
N GLY A 100 9.17 8.00 14.24
CA GLY A 100 8.80 6.69 13.76
C GLY A 100 8.88 6.57 12.26
N CYS A 101 8.24 5.53 11.72
CA CYS A 101 8.21 5.25 10.29
C CYS A 101 6.94 4.53 9.91
N ASP A 102 6.48 4.76 8.68
CA ASP A 102 5.35 4.08 8.04
C ASP A 102 5.90 3.13 7.00
N VAL A 103 5.31 1.94 6.91
CA VAL A 103 5.64 0.88 5.95
C VAL A 103 4.37 0.36 5.27
N GLY A 104 4.49 -0.03 4.00
CA GLY A 104 3.41 -0.59 3.23
C GLY A 104 3.05 -2.00 3.65
N SER A 105 2.14 -2.63 2.86
CA SER A 105 1.66 -4.00 3.06
C SER A 105 2.84 -4.98 3.04
N ASP A 106 3.86 -4.66 2.20
CA ASP A 106 5.10 -5.40 1.99
C ASP A 106 6.14 -5.17 3.06
N GLY A 107 5.82 -4.32 4.06
CA GLY A 107 6.70 -3.98 5.17
C GLY A 107 7.93 -3.17 4.74
N ARG A 108 7.81 -2.43 3.64
CA ARG A 108 8.86 -1.61 3.05
C ARG A 108 8.60 -0.15 3.36
N PHE A 109 9.70 0.64 3.56
CA PHE A 109 9.64 2.07 3.93
C PHE A 109 8.73 2.91 3.08
N LEU A 110 7.92 3.74 3.74
CA LEU A 110 6.94 4.63 3.15
C LEU A 110 7.14 6.06 3.67
N ARG A 111 7.21 6.27 5.00
CA ARG A 111 7.46 7.59 5.59
C ARG A 111 8.26 7.52 6.89
N GLY A 112 8.89 8.63 7.25
CA GLY A 112 9.71 8.76 8.45
C GLY A 112 9.45 10.09 9.13
N TYR A 113 9.44 10.07 10.48
CA TYR A 113 9.16 11.27 11.28
C TYR A 113 10.20 11.47 12.37
N HIS A 114 10.59 12.73 12.60
CA HIS A 114 11.51 13.09 13.69
C HIS A 114 11.22 14.54 14.04
N GLN A 115 10.43 14.76 15.11
CA GLN A 115 9.97 16.11 15.42
C GLN A 115 9.83 16.45 16.90
N TYR A 116 9.83 17.78 17.16
CA TYR A 116 9.77 18.45 18.45
C TYR A 116 8.75 19.60 18.47
N ALA A 117 8.13 19.75 19.64
CA ALA A 117 7.19 20.79 19.98
C ALA A 117 7.51 21.22 21.41
N TYR A 118 7.79 22.51 21.58
CA TYR A 118 8.06 23.10 22.88
C TYR A 118 6.85 23.93 23.29
N ASP A 119 6.33 23.63 24.49
CA ASP A 119 5.16 24.23 25.10
C ASP A 119 3.91 24.04 24.24
N GLY A 120 3.80 22.85 23.64
CA GLY A 120 2.63 22.48 22.86
C GLY A 120 2.58 23.00 21.45
N LYS A 121 3.53 23.92 21.08
CA LYS A 121 3.67 24.49 19.73
C LYS A 121 4.89 23.85 19.04
N ASP A 122 4.83 23.64 17.71
CA ASP A 122 5.92 23.07 16.91
C ASP A 122 7.21 23.86 17.08
N TYR A 123 8.36 23.17 17.10
CA TYR A 123 9.66 23.82 17.22
C TYR A 123 10.38 23.53 15.91
N ILE A 124 10.93 22.32 15.75
CA ILE A 124 11.62 21.86 14.55
C ILE A 124 11.08 20.47 14.14
N ALA A 125 10.94 20.22 12.84
CA ALA A 125 10.42 18.93 12.36
C ALA A 125 11.21 18.41 11.18
N LEU A 126 11.38 17.08 11.08
CA LEU A 126 12.08 16.51 9.95
C LEU A 126 11.15 16.46 8.76
N LYS A 127 11.64 16.99 7.62
CA LYS A 127 10.94 17.11 6.34
C LYS A 127 10.63 15.72 5.71
N GLU A 128 9.52 15.64 4.89
CA GLU A 128 9.11 14.40 4.23
C GLU A 128 10.30 13.72 3.53
N ASP A 129 11.18 14.52 2.87
CA ASP A 129 12.41 14.05 2.18
C ASP A 129 13.45 13.38 3.10
N LEU A 130 13.44 13.67 4.42
CA LEU A 130 14.39 13.14 5.42
C LEU A 130 15.79 13.77 5.35
N ARG A 131 15.96 14.92 4.66
CA ARG A 131 17.26 15.58 4.42
C ARG A 131 17.41 16.96 5.07
N SER A 132 16.33 17.74 5.10
CA SER A 132 16.34 19.08 5.67
C SER A 132 15.34 19.19 6.83
N TRP A 133 15.28 20.36 7.49
CA TRP A 133 14.39 20.62 8.63
C TRP A 133 13.39 21.76 8.38
N THR A 134 12.27 21.75 9.14
CA THR A 134 11.21 22.78 9.14
C THR A 134 11.29 23.58 10.48
N ALA A 135 12.00 24.71 10.51
CA ALA A 135 12.08 25.48 11.74
C ALA A 135 10.93 26.46 11.79
N ALA A 136 9.92 26.11 12.60
CA ALA A 136 8.69 26.88 12.83
C ALA A 136 8.96 28.39 13.11
N ASP A 137 9.42 28.75 14.31
CA ASP A 137 9.71 30.15 14.64
C ASP A 137 11.18 30.51 14.45
N MET A 138 11.54 31.72 14.93
CA MET A 138 12.85 32.35 14.87
C MET A 138 13.94 31.59 15.65
N ALA A 139 13.61 31.13 16.87
CA ALA A 139 14.50 30.41 17.78
C ALA A 139 14.99 29.06 17.21
N ALA A 140 14.08 28.30 16.61
CA ALA A 140 14.38 27.00 16.04
C ALA A 140 15.35 27.10 14.87
N GLN A 141 15.38 28.30 14.23
CA GLN A 141 16.22 28.64 13.09
C GLN A 141 17.68 28.46 13.44
N ILE A 142 18.05 28.77 14.70
CA ILE A 142 19.42 28.60 15.23
C ILE A 142 19.81 27.09 15.27
N THR A 143 18.84 26.19 15.64
CA THR A 143 18.96 24.71 15.67
C THR A 143 19.02 24.14 14.25
N LYS A 144 18.09 24.57 13.38
CA LYS A 144 18.07 24.15 11.95
C LYS A 144 19.46 24.38 11.26
N ARG A 145 20.02 25.60 11.40
CA ARG A 145 21.29 26.00 10.78
C ARG A 145 22.47 25.14 11.23
N LYS A 146 22.64 24.91 12.55
CA LYS A 146 23.73 24.05 13.09
C LYS A 146 23.58 22.58 12.64
N TRP A 147 22.32 22.07 12.65
CA TRP A 147 21.97 20.71 12.25
C TRP A 147 22.14 20.48 10.75
N GLU A 148 21.91 21.55 9.95
CA GLU A 148 22.10 21.45 8.51
C GLU A 148 23.60 21.46 8.18
N ALA A 149 24.36 22.38 8.79
CA ALA A 149 25.81 22.47 8.65
C ALA A 149 26.49 21.09 8.98
N ALA A 150 26.13 20.52 10.15
CA ALA A 150 26.65 19.25 10.66
C ALA A 150 26.09 18.01 9.98
N HIS A 151 25.06 18.16 9.10
CA HIS A 151 24.41 17.10 8.34
C HIS A 151 23.74 16.05 9.21
N VAL A 152 23.15 16.49 10.32
CA VAL A 152 22.52 15.66 11.35
C VAL A 152 21.40 14.75 10.80
N ALA A 153 20.59 15.24 9.86
CA ALA A 153 19.51 14.47 9.24
C ALA A 153 19.92 13.06 8.79
N GLU A 154 21.23 12.83 8.50
CA GLU A 154 21.78 11.54 8.06
C GLU A 154 21.75 10.48 9.14
N GLN A 155 22.07 10.87 10.39
CA GLN A 155 22.00 10.03 11.58
C GLN A 155 20.52 9.56 11.75
N GLN A 156 19.55 10.49 11.52
CA GLN A 156 18.10 10.21 11.56
C GLN A 156 17.66 9.36 10.36
N ARG A 157 18.19 9.65 9.14
CA ARG A 157 17.81 8.95 7.91
C ARG A 157 18.12 7.46 8.01
N ALA A 158 19.30 7.14 8.54
CA ALA A 158 19.78 5.78 8.78
C ALA A 158 18.87 5.00 9.77
N TYR A 159 18.28 5.71 10.74
CA TYR A 159 17.38 5.06 11.66
C TYR A 159 16.03 4.82 10.98
N LEU A 160 15.43 5.86 10.41
CA LEU A 160 14.09 5.79 9.81
C LEU A 160 13.99 4.85 8.61
N GLU A 161 14.97 4.86 7.66
CA GLU A 161 14.93 3.97 6.48
C GLU A 161 15.44 2.55 6.80
N GLY A 162 16.26 2.46 7.87
CA GLY A 162 16.89 1.22 8.32
C GLY A 162 16.27 0.58 9.55
N THR A 163 16.91 0.76 10.71
CA THR A 163 16.50 0.20 12.01
C THR A 163 14.99 0.30 12.36
N CYS A 164 14.34 1.44 12.10
CA CYS A 164 12.92 1.64 12.36
C CYS A 164 12.08 0.59 11.59
N VAL A 165 12.26 0.50 10.24
CA VAL A 165 11.55 -0.45 9.36
C VAL A 165 11.93 -1.90 9.70
N ASP A 166 13.24 -2.17 9.85
CA ASP A 166 13.77 -3.51 10.15
C ASP A 166 13.17 -4.05 11.46
N GLY A 167 13.04 -3.16 12.45
CA GLY A 167 12.46 -3.43 13.75
C GLY A 167 10.97 -3.58 13.74
N LEU A 168 10.24 -2.71 13.02
CA LEU A 168 8.78 -2.76 12.91
C LEU A 168 8.34 -4.05 12.24
N ARG A 169 9.04 -4.46 11.14
CA ARG A 169 8.79 -5.73 10.44
C ARG A 169 8.84 -6.89 11.42
N ARG A 170 9.91 -6.95 12.24
CA ARG A 170 10.16 -7.97 13.28
C ARG A 170 9.02 -8.03 14.30
N TYR A 171 8.43 -6.85 14.64
CA TYR A 171 7.33 -6.78 15.60
C TYR A 171 6.05 -7.34 15.00
N LEU A 172 5.84 -7.08 13.71
CA LEU A 172 4.68 -7.51 12.93
C LEU A 172 4.63 -9.03 12.78
N GLU A 173 5.79 -9.70 12.77
CA GLU A 173 5.85 -11.17 12.68
C GLU A 173 5.57 -11.78 14.04
N ASN A 174 6.37 -11.40 15.06
CA ASN A 174 6.27 -11.88 16.44
C ASN A 174 4.91 -11.66 17.09
N GLY A 175 4.21 -10.64 16.63
CA GLY A 175 2.87 -10.31 17.12
C GLY A 175 1.82 -10.41 16.05
N LYS A 176 1.98 -11.38 15.14
CA LYS A 176 1.08 -11.66 14.01
C LYS A 176 -0.40 -11.74 14.44
N GLU A 177 -0.69 -12.56 15.48
CA GLU A 177 -2.01 -12.87 16.06
C GLU A 177 -2.83 -11.62 16.43
N THR A 178 -2.24 -10.75 17.25
CA THR A 178 -2.90 -9.52 17.70
C THR A 178 -2.70 -8.33 16.78
N LEU A 179 -1.52 -8.15 16.18
CA LEU A 179 -1.26 -6.95 15.38
C LEU A 179 -1.87 -6.94 13.98
N GLN A 180 -1.90 -8.10 13.29
CA GLN A 180 -2.44 -8.20 11.92
C GLN A 180 -3.96 -8.28 11.90
N ARG A 181 -4.58 -8.46 13.08
CA ARG A 181 -6.02 -8.56 13.28
C ARG A 181 -6.78 -7.27 12.87
N THR A 182 -8.09 -7.45 12.64
CA THR A 182 -9.04 -6.40 12.31
C THR A 182 -10.39 -6.75 12.95
N ASP A 183 -10.61 -6.24 14.17
CA ASP A 183 -11.84 -6.44 14.95
C ASP A 183 -12.95 -5.54 14.36
N PRO A 184 -14.02 -6.12 13.78
CA PRO A 184 -15.06 -5.28 13.19
C PRO A 184 -15.90 -4.57 14.26
N PRO A 185 -16.51 -3.40 13.94
CA PRO A 185 -17.31 -2.69 14.95
C PRO A 185 -18.63 -3.39 15.29
N LYS A 186 -18.91 -3.55 16.60
CA LYS A 186 -20.13 -4.19 17.06
C LYS A 186 -21.25 -3.13 17.03
N THR A 187 -22.05 -3.17 15.96
CA THR A 187 -23.10 -2.19 15.68
C THR A 187 -24.25 -2.24 16.70
N HIS A 188 -24.69 -1.02 17.09
CA HIS A 188 -25.71 -0.68 18.08
C HIS A 188 -26.55 0.49 17.48
N MET A 189 -27.71 0.85 18.13
CA MET A 189 -28.63 1.94 17.73
C MET A 189 -29.64 2.23 18.86
N THR A 190 -29.64 3.47 19.37
CA THR A 190 -30.54 3.89 20.46
C THR A 190 -31.46 5.05 20.00
N HIS A 191 -32.61 5.22 20.69
CA HIS A 191 -33.59 6.27 20.44
C HIS A 191 -34.11 6.85 21.77
N HIS A 192 -34.09 8.20 21.88
CA HIS A 192 -34.53 8.97 23.06
C HIS A 192 -35.37 10.21 22.64
N PRO A 193 -36.36 10.66 23.44
CA PRO A 193 -37.14 11.84 23.02
C PRO A 193 -36.53 13.18 23.44
N ILE A 194 -36.52 14.19 22.51
CA ILE A 194 -35.98 15.53 22.78
C ILE A 194 -36.93 16.29 23.71
N SER A 195 -38.14 16.63 23.21
CA SER A 195 -39.18 17.38 23.94
C SER A 195 -40.55 17.15 23.28
N ASP A 196 -41.00 15.87 23.27
CA ASP A 196 -42.27 15.35 22.72
C ASP A 196 -42.40 15.53 21.20
N HIS A 197 -42.34 16.78 20.68
CA HIS A 197 -42.48 17.10 19.25
C HIS A 197 -41.14 17.12 18.51
N GLU A 198 -40.15 16.42 19.09
CA GLU A 198 -38.78 16.22 18.62
C GLU A 198 -38.17 14.95 19.28
N ALA A 199 -37.19 14.30 18.62
CA ALA A 199 -36.53 13.08 19.11
C ALA A 199 -35.09 12.90 18.59
N THR A 200 -34.23 12.21 19.39
CA THR A 200 -32.82 11.96 19.06
C THR A 200 -32.49 10.46 18.99
N LEU A 201 -31.73 10.06 17.97
CA LEU A 201 -31.32 8.69 17.78
C LEU A 201 -29.83 8.59 17.36
N ARG A 202 -29.04 7.83 18.15
CA ARG A 202 -27.61 7.64 17.92
C ARG A 202 -27.24 6.19 17.67
N CYS A 203 -26.24 5.98 16.83
CA CYS A 203 -25.72 4.67 16.52
C CYS A 203 -24.35 4.56 17.19
N TRP A 204 -23.91 3.33 17.47
CA TRP A 204 -22.62 3.07 18.11
C TRP A 204 -21.85 1.97 17.39
N ALA A 205 -20.53 2.10 17.43
CA ALA A 205 -19.55 1.13 16.96
C ALA A 205 -18.76 0.91 18.26
N LEU A 206 -18.54 -0.35 18.70
CA LEU A 206 -17.94 -0.49 20.03
C LEU A 206 -16.73 -1.44 20.21
N GLY A 207 -16.68 -2.56 19.50
CA GLY A 207 -15.59 -3.50 19.71
C GLY A 207 -14.58 -3.59 18.59
N PHE A 208 -14.23 -2.45 17.98
CA PHE A 208 -13.31 -2.42 16.84
C PHE A 208 -11.85 -2.11 17.18
N TYR A 209 -10.97 -2.44 16.20
CA TYR A 209 -9.52 -2.20 16.12
C TYR A 209 -9.10 -2.34 14.63
N PRO A 210 -8.40 -1.36 13.98
CA PRO A 210 -7.85 -0.09 14.49
C PRO A 210 -8.86 1.04 14.68
N ALA A 211 -8.41 2.14 15.33
CA ALA A 211 -9.16 3.36 15.67
C ALA A 211 -9.80 4.09 14.47
N GLU A 212 -9.52 3.63 13.23
CA GLU A 212 -10.05 4.20 11.99
C GLU A 212 -11.53 3.80 11.76
N ILE A 213 -12.46 4.78 11.91
CA ILE A 213 -13.90 4.58 11.73
C ILE A 213 -14.62 5.85 11.17
N THR A 214 -15.67 5.64 10.35
CA THR A 214 -16.45 6.74 9.75
C THR A 214 -17.95 6.58 10.05
N LEU A 215 -18.45 7.33 11.06
CA LEU A 215 -19.85 7.31 11.47
C LEU A 215 -20.64 8.43 10.80
N THR A 216 -20.75 8.36 9.47
CA THR A 216 -21.48 9.35 8.67
C THR A 216 -22.95 8.92 8.48
N TRP A 217 -23.87 9.89 8.56
CA TRP A 217 -25.31 9.66 8.42
C TRP A 217 -25.85 10.00 7.01
N GLN A 218 -27.17 9.80 6.81
CA GLN A 218 -27.91 10.07 5.58
C GLN A 218 -29.39 10.33 5.88
N ARG A 219 -29.96 11.41 5.31
CA ARG A 219 -31.36 11.79 5.44
C ARG A 219 -32.03 11.52 4.10
N ASP A 220 -33.12 10.73 4.11
CA ASP A 220 -33.92 10.39 2.92
C ASP A 220 -33.03 9.96 1.73
N GLY A 221 -31.99 9.15 2.02
CA GLY A 221 -31.05 8.67 1.03
C GLY A 221 -30.02 9.67 0.54
N GLU A 222 -30.13 10.94 0.99
CA GLU A 222 -29.23 12.03 0.62
C GLU A 222 -28.10 12.09 1.63
N ASP A 223 -26.85 12.23 1.13
CA ASP A 223 -25.61 12.34 1.91
C ASP A 223 -25.65 13.58 2.81
N GLN A 224 -26.43 14.60 2.36
CA GLN A 224 -26.66 15.88 3.01
C GLN A 224 -27.42 15.73 4.35
N THR A 225 -26.64 15.60 5.45
CA THR A 225 -27.04 15.52 6.86
C THR A 225 -25.76 15.82 7.68
N GLN A 226 -25.27 17.06 7.54
CA GLN A 226 -24.03 17.52 8.17
C GLN A 226 -24.21 18.08 9.59
N ASP A 227 -25.44 18.48 9.99
CA ASP A 227 -25.73 18.99 11.34
C ASP A 227 -25.83 17.84 12.39
N THR A 228 -24.80 16.98 12.40
CA THR A 228 -24.66 15.81 13.27
C THR A 228 -23.78 16.09 14.51
N GLU A 229 -24.09 15.43 15.64
CA GLU A 229 -23.31 15.53 16.87
C GLU A 229 -22.39 14.29 16.94
N LEU A 230 -21.13 14.46 16.50
CA LEU A 230 -20.14 13.38 16.47
C LEU A 230 -19.13 13.53 17.62
N VAL A 231 -18.74 12.39 18.23
CA VAL A 231 -17.74 12.38 19.29
C VAL A 231 -16.41 11.79 18.81
N GLU A 232 -15.35 12.07 19.59
CA GLU A 232 -13.97 11.64 19.39
C GLU A 232 -13.83 10.14 19.68
N THR A 233 -13.01 9.41 18.88
CA THR A 233 -12.77 7.98 19.07
C THR A 233 -12.15 7.76 20.44
N ARG A 234 -12.78 6.93 21.25
CA ARG A 234 -12.36 6.71 22.60
C ARG A 234 -11.98 5.25 22.87
N PRO A 235 -10.93 5.02 23.69
CA PRO A 235 -10.52 3.64 23.99
C PRO A 235 -11.33 2.94 25.11
N ALA A 236 -11.81 1.73 24.81
CA ALA A 236 -12.56 0.91 25.75
C ALA A 236 -11.68 0.44 26.92
N GLY A 237 -10.39 0.25 26.66
CA GLY A 237 -9.46 -0.19 27.68
C GLY A 237 -9.03 -1.62 27.42
N ASP A 238 -9.87 -2.40 26.70
CA ASP A 238 -9.51 -3.79 26.38
C ASP A 238 -8.85 -3.90 25.02
N GLY A 239 -8.10 -2.86 24.66
CA GLY A 239 -7.38 -2.74 23.40
C GLY A 239 -8.27 -2.52 22.21
N THR A 240 -9.47 -2.00 22.44
CA THR A 240 -10.45 -1.73 21.39
C THR A 240 -10.98 -0.32 21.51
N PHE A 241 -11.56 0.19 20.43
CA PHE A 241 -12.03 1.56 20.38
C PHE A 241 -13.50 1.64 20.03
N GLN A 242 -14.14 2.74 20.46
CA GLN A 242 -15.55 3.04 20.25
C GLN A 242 -15.77 4.49 19.82
N LYS A 243 -16.88 4.74 19.09
CA LYS A 243 -17.31 6.05 18.57
C LYS A 243 -18.84 6.04 18.31
N TRP A 244 -19.51 7.19 18.56
CA TRP A 244 -20.95 7.35 18.34
C TRP A 244 -21.30 8.68 17.68
N ALA A 245 -22.38 8.69 16.88
CA ALA A 245 -22.88 9.89 16.20
C ALA A 245 -24.39 10.04 16.35
N ALA A 246 -24.84 10.99 17.20
CA ALA A 246 -26.25 11.27 17.46
C ALA A 246 -26.83 12.31 16.51
N VAL A 247 -27.95 11.97 15.85
CA VAL A 247 -28.62 12.90 14.93
C VAL A 247 -30.07 13.15 15.37
N VAL A 248 -30.44 14.44 15.45
CA VAL A 248 -31.78 14.92 15.79
C VAL A 248 -32.67 14.87 14.55
N VAL A 249 -33.91 14.34 14.72
CA VAL A 249 -34.88 14.13 13.63
C VAL A 249 -36.30 14.67 13.94
N PRO A 250 -37.14 15.06 12.92
CA PRO A 250 -38.52 15.48 13.24
C PRO A 250 -39.40 14.26 13.54
N SER A 251 -39.94 14.19 14.79
CA SER A 251 -40.78 13.09 15.31
C SER A 251 -41.80 12.55 14.30
N GLY A 252 -41.50 11.37 13.77
CA GLY A 252 -42.29 10.70 12.75
C GLY A 252 -41.45 10.36 11.53
N GLU A 253 -40.25 10.93 11.47
CA GLU A 253 -39.29 10.69 10.38
C GLU A 253 -38.04 9.93 10.88
N GLU A 254 -38.12 9.29 12.08
CA GLU A 254 -37.04 8.51 12.71
C GLU A 254 -36.54 7.37 11.81
N GLN A 255 -37.47 6.78 11.03
CA GLN A 255 -37.26 5.66 10.09
C GLN A 255 -36.71 6.13 8.73
N ARG A 256 -36.93 7.41 8.40
CA ARG A 256 -36.51 8.06 7.15
C ARG A 256 -34.98 8.25 7.05
N TYR A 257 -34.29 8.41 8.20
CA TYR A 257 -32.84 8.68 8.29
C TYR A 257 -31.97 7.43 8.51
N THR A 258 -31.04 7.15 7.57
CA THR A 258 -30.11 6.00 7.61
C THR A 258 -28.68 6.38 8.09
N CYS A 259 -27.90 5.39 8.60
CA CYS A 259 -26.54 5.60 9.07
C CYS A 259 -25.56 4.62 8.45
N HIS A 260 -24.44 5.14 7.91
CA HIS A 260 -23.41 4.36 7.23
C HIS A 260 -22.12 4.28 8.05
N VAL A 261 -21.71 3.04 8.40
CA VAL A 261 -20.53 2.74 9.20
C VAL A 261 -19.40 2.19 8.31
N GLN A 262 -18.27 2.93 8.25
CA GLN A 262 -17.08 2.57 7.47
C GLN A 262 -15.93 2.10 8.36
N HIS A 263 -15.45 0.86 8.11
CA HIS A 263 -14.37 0.17 8.81
C HIS A 263 -13.83 -0.95 7.91
N GLU A 264 -12.60 -1.44 8.19
CA GLU A 264 -11.89 -2.49 7.42
C GLU A 264 -12.19 -3.95 7.85
N GLY A 265 -12.81 -4.13 9.00
CA GLY A 265 -13.22 -5.43 9.53
C GLY A 265 -14.46 -5.94 8.82
N LEU A 266 -15.19 -5.00 8.19
CA LEU A 266 -16.40 -5.22 7.40
C LEU A 266 -16.00 -5.10 5.93
N PRO A 267 -16.26 -6.14 5.09
CA PRO A 267 -15.88 -6.04 3.66
C PRO A 267 -16.68 -4.95 2.92
N LYS A 268 -17.98 -4.88 3.23
CA LYS A 268 -18.95 -3.92 2.73
C LYS A 268 -19.41 -3.10 3.95
N PRO A 269 -19.66 -1.79 3.78
CA PRO A 269 -20.10 -0.98 4.93
C PRO A 269 -21.49 -1.34 5.45
N LEU A 270 -21.77 -0.97 6.70
CA LEU A 270 -23.05 -1.27 7.34
C LEU A 270 -24.00 -0.08 7.35
N THR A 271 -25.24 -0.28 6.88
CA THR A 271 -26.30 0.74 6.85
C THR A 271 -27.40 0.37 7.84
N LEU A 272 -27.83 1.32 8.69
CA LEU A 272 -28.81 1.07 9.74
C LEU A 272 -30.03 1.99 9.67
N ILE B 2 0.53 29.35 25.66
CA ILE B 2 -0.73 28.82 25.15
C ILE B 2 -1.29 27.66 25.99
N GLN B 3 -2.62 27.64 26.15
CA GLN B 3 -3.33 26.62 26.90
C GLN B 3 -4.55 26.13 26.14
N ARG B 4 -4.85 24.84 26.29
CA ARG B 4 -5.99 24.21 25.65
C ARG B 4 -6.82 23.41 26.66
N THR B 5 -8.13 23.74 26.75
CA THR B 5 -9.12 23.13 27.66
C THR B 5 -9.38 21.64 27.32
N PRO B 6 -9.42 20.76 28.36
CA PRO B 6 -9.62 19.33 28.11
C PRO B 6 -11.00 18.89 27.62
N LYS B 7 -11.03 17.92 26.67
CA LYS B 7 -12.25 17.27 26.14
C LYS B 7 -12.48 16.07 27.03
N ILE B 8 -13.61 16.04 27.75
CA ILE B 8 -13.91 14.93 28.69
C ILE B 8 -14.99 13.98 28.14
N GLN B 9 -14.76 12.66 28.33
CA GLN B 9 -15.68 11.60 27.91
C GLN B 9 -15.72 10.49 28.94
N VAL B 10 -16.84 10.42 29.67
CA VAL B 10 -17.13 9.41 30.68
C VAL B 10 -18.07 8.36 30.05
N TYR B 11 -17.66 7.08 30.10
CA TYR B 11 -18.37 5.93 29.48
C TYR B 11 -17.88 4.61 30.08
N SER B 12 -18.51 3.49 29.69
CA SER B 12 -18.14 2.15 30.16
C SER B 12 -17.32 1.35 29.11
N ARG B 13 -16.48 0.36 29.56
CA ARG B 13 -15.67 -0.49 28.67
C ARG B 13 -16.57 -1.35 27.79
N HIS B 14 -17.59 -1.98 28.44
CA HIS B 14 -18.59 -2.87 27.83
C HIS B 14 -20.01 -2.22 27.88
N PRO B 15 -21.02 -2.69 27.08
CA PRO B 15 -22.35 -2.07 27.18
C PRO B 15 -22.93 -2.24 28.59
N ALA B 16 -23.22 -1.09 29.23
CA ALA B 16 -23.72 -0.97 30.59
C ALA B 16 -25.00 -1.78 30.85
N GLU B 17 -25.05 -2.44 32.02
CA GLU B 17 -26.18 -3.25 32.50
C GLU B 17 -26.15 -3.42 34.03
N ASN B 18 -27.27 -3.07 34.70
CA ASN B 18 -27.48 -3.12 36.15
C ASN B 18 -27.07 -4.48 36.77
N GLY B 19 -26.22 -4.41 37.79
CA GLY B 19 -25.71 -5.55 38.55
C GLY B 19 -24.59 -6.37 37.95
N LYS B 20 -24.23 -6.12 36.65
CA LYS B 20 -23.17 -6.88 35.95
C LYS B 20 -21.83 -6.10 35.88
N SER B 21 -20.69 -6.76 36.20
CA SER B 21 -19.35 -6.17 36.23
C SER B 21 -18.95 -5.46 34.93
N ASN B 22 -18.25 -4.31 35.09
CA ASN B 22 -17.81 -3.41 34.02
C ASN B 22 -16.64 -2.51 34.49
N PHE B 23 -16.15 -1.63 33.57
CA PHE B 23 -15.10 -0.66 33.86
C PHE B 23 -15.59 0.73 33.45
N LEU B 24 -15.57 1.69 34.40
CA LEU B 24 -15.98 3.09 34.16
C LEU B 24 -14.76 3.89 33.76
N ASN B 25 -14.81 4.46 32.56
CA ASN B 25 -13.74 5.20 31.95
C ASN B 25 -13.98 6.69 31.91
N CYS B 26 -12.87 7.45 32.03
CA CYS B 26 -12.84 8.88 31.81
C CYS B 26 -11.68 9.19 30.89
N TYR B 27 -12.02 9.67 29.68
CA TYR B 27 -11.07 9.98 28.62
C TYR B 27 -10.91 11.49 28.42
N VAL B 28 -9.78 12.01 28.92
CA VAL B 28 -9.39 13.41 28.79
C VAL B 28 -8.37 13.54 27.68
N SER B 29 -8.64 14.42 26.73
CA SER B 29 -7.76 14.65 25.58
C SER B 29 -7.74 16.14 25.22
N GLY B 30 -6.93 16.51 24.21
CA GLY B 30 -6.82 17.87 23.70
C GLY B 30 -6.37 18.93 24.68
N PHE B 31 -5.76 18.52 25.79
CA PHE B 31 -5.30 19.45 26.81
C PHE B 31 -3.80 19.82 26.71
N HIS B 32 -3.46 21.04 27.19
CA HIS B 32 -2.11 21.58 27.32
C HIS B 32 -2.05 22.73 28.36
N PRO B 33 -1.11 22.71 29.37
CA PRO B 33 -0.10 21.69 29.69
C PRO B 33 -0.65 20.31 30.07
N SER B 34 0.25 19.37 30.37
CA SER B 34 -0.10 17.98 30.65
C SER B 34 -0.71 17.72 32.04
N ASP B 35 -0.28 18.52 33.02
CA ASP B 35 -0.70 18.39 34.41
C ASP B 35 -2.22 18.45 34.57
N ILE B 36 -2.82 17.28 34.80
CA ILE B 36 -4.27 17.14 34.96
C ILE B 36 -4.62 16.34 36.21
N GLU B 37 -5.81 16.61 36.79
CA GLU B 37 -6.38 15.95 37.97
C GLU B 37 -7.70 15.33 37.52
N VAL B 38 -7.78 13.99 37.52
CA VAL B 38 -8.99 13.28 37.08
C VAL B 38 -9.45 12.36 38.19
N ASP B 39 -10.66 12.63 38.73
CA ASP B 39 -11.29 11.84 39.79
C ASP B 39 -12.55 11.16 39.27
N LEU B 40 -12.69 9.86 39.58
CA LEU B 40 -13.90 9.12 39.22
C LEU B 40 -14.82 9.12 40.42
N LEU B 41 -16.12 9.40 40.19
CA LEU B 41 -17.07 9.56 41.27
C LEU B 41 -18.18 8.51 41.36
N LYS B 42 -18.43 8.07 42.62
CA LYS B 42 -19.47 7.12 43.08
C LYS B 42 -20.23 7.89 44.18
N ASN B 43 -21.32 8.58 43.74
CA ASN B 43 -22.20 9.43 44.53
C ASN B 43 -21.44 10.60 45.16
N GLY B 44 -20.89 11.44 44.29
CA GLY B 44 -20.13 12.64 44.63
C GLY B 44 -18.83 12.41 45.38
N GLU B 45 -18.60 11.15 45.82
CA GLU B 45 -17.44 10.73 46.59
C GLU B 45 -16.42 9.99 45.72
N ARG B 46 -15.20 10.50 45.73
CA ARG B 46 -14.04 10.02 44.99
C ARG B 46 -13.75 8.53 45.17
N ILE B 47 -13.52 7.83 44.05
CA ILE B 47 -13.14 6.42 44.05
C ILE B 47 -11.62 6.44 44.18
N GLU B 48 -11.10 5.95 45.32
CA GLU B 48 -9.66 6.00 45.60
C GLU B 48 -8.81 5.02 44.77
N LYS B 49 -9.39 3.90 44.31
CA LYS B 49 -8.65 2.92 43.52
C LYS B 49 -8.89 3.10 42.01
N VAL B 50 -8.33 4.21 41.49
CA VAL B 50 -8.38 4.62 40.08
C VAL B 50 -7.00 4.49 39.43
N GLU B 51 -6.91 3.77 38.31
CA GLU B 51 -5.66 3.58 37.57
C GLU B 51 -5.68 4.41 36.28
N HIS B 52 -4.51 4.81 35.76
CA HIS B 52 -4.51 5.61 34.54
C HIS B 52 -3.52 5.15 33.48
N SER B 53 -3.77 5.60 32.22
CA SER B 53 -2.95 5.33 31.02
C SER B 53 -1.65 6.13 31.07
N ASP B 54 -0.65 5.67 30.29
CA ASP B 54 0.62 6.37 30.21
C ASP B 54 0.52 7.59 29.30
N LEU B 55 1.11 8.71 29.77
CA LEU B 55 1.08 9.98 29.08
C LEU B 55 1.61 9.87 27.68
N SER B 56 0.69 10.07 26.78
CA SER B 56 0.87 9.96 25.35
C SER B 56 0.16 11.16 24.69
N PHE B 57 0.35 11.29 23.38
CA PHE B 57 -0.24 12.36 22.58
C PHE B 57 -0.45 11.89 21.15
N SER B 58 -1.05 12.76 20.36
CA SER B 58 -1.34 12.51 18.95
C SER B 58 -0.40 13.41 18.16
N LYS B 59 -0.31 13.17 16.83
CA LYS B 59 0.52 13.93 15.89
C LYS B 59 0.41 15.44 16.06
N ASP B 60 -0.80 15.96 16.45
CA ASP B 60 -1.04 17.41 16.66
C ASP B 60 -0.61 17.90 18.08
N TRP B 61 0.26 17.10 18.78
CA TRP B 61 0.84 17.31 20.12
C TRP B 61 -0.24 17.36 21.23
N SER B 62 -1.45 16.92 20.88
CA SER B 62 -2.64 16.87 21.71
C SER B 62 -2.55 15.75 22.73
N PHE B 63 -2.46 16.11 24.01
CA PHE B 63 -2.37 15.14 25.11
C PHE B 63 -3.62 14.32 25.35
N TYR B 64 -3.42 13.00 25.58
CA TYR B 64 -4.52 12.09 25.91
C TYR B 64 -4.12 11.15 27.05
N LEU B 65 -5.12 10.87 27.91
CA LEU B 65 -5.07 9.98 29.07
C LEU B 65 -6.44 9.34 29.25
N LEU B 66 -6.45 8.16 29.87
CA LEU B 66 -7.65 7.42 30.20
C LEU B 66 -7.48 6.86 31.60
N TYR B 67 -8.30 7.39 32.50
CA TYR B 67 -8.37 6.98 33.91
C TYR B 67 -9.52 5.98 33.95
N TYR B 68 -9.30 4.81 34.57
CA TYR B 68 -10.27 3.73 34.57
C TYR B 68 -10.43 2.99 35.92
N THR B 69 -11.65 2.40 36.18
CA THR B 69 -11.93 1.63 37.40
C THR B 69 -12.80 0.38 37.17
N GLU B 70 -12.50 -0.72 37.93
CA GLU B 70 -13.22 -2.00 37.92
C GLU B 70 -14.44 -1.88 38.87
N PHE B 71 -15.67 -2.03 38.33
CA PHE B 71 -16.89 -1.86 39.13
C PHE B 71 -18.08 -2.76 38.70
N THR B 72 -19.24 -2.56 39.36
CA THR B 72 -20.53 -3.18 39.09
C THR B 72 -21.61 -2.06 39.10
N PRO B 73 -22.13 -1.64 37.91
CA PRO B 73 -23.11 -0.54 37.88
C PRO B 73 -24.48 -0.92 38.44
N THR B 74 -25.22 0.08 38.94
CA THR B 74 -26.56 -0.12 39.52
C THR B 74 -27.56 0.94 39.01
N GLU B 75 -28.80 0.86 39.55
CA GLU B 75 -29.90 1.78 39.29
C GLU B 75 -29.87 2.87 40.40
N LYS B 76 -29.39 2.50 41.62
CA LYS B 76 -29.28 3.34 42.81
C LYS B 76 -28.10 4.36 42.75
N ASP B 77 -26.87 3.88 42.44
CA ASP B 77 -25.67 4.72 42.40
C ASP B 77 -25.59 5.63 41.17
N GLU B 78 -25.04 6.85 41.37
CA GLU B 78 -24.84 7.87 40.33
C GLU B 78 -23.34 8.08 40.11
N TYR B 79 -22.86 7.78 38.87
CA TYR B 79 -21.45 7.87 38.47
C TYR B 79 -21.16 9.09 37.60
N ALA B 80 -19.93 9.64 37.74
CA ALA B 80 -19.46 10.84 37.04
C ALA B 80 -17.92 11.00 37.03
N CYS B 81 -17.42 12.02 36.29
CA CYS B 81 -15.99 12.33 36.19
C CYS B 81 -15.72 13.78 36.65
N ARG B 82 -14.88 13.97 37.70
CA ARG B 82 -14.49 15.29 38.22
C ARG B 82 -13.11 15.66 37.65
N VAL B 83 -13.04 16.76 36.87
CA VAL B 83 -11.77 17.17 36.24
C VAL B 83 -11.37 18.63 36.51
N ASN B 84 -10.10 18.85 36.91
CA ASN B 84 -9.51 20.18 37.08
C ASN B 84 -8.15 20.26 36.40
N HIS B 85 -7.97 21.35 35.67
CA HIS B 85 -6.80 21.71 34.89
C HIS B 85 -6.50 23.21 35.17
N VAL B 86 -5.55 23.80 34.45
CA VAL B 86 -5.24 25.22 34.60
C VAL B 86 -6.31 26.05 33.90
N THR B 87 -6.76 25.60 32.70
CA THR B 87 -7.80 26.22 31.85
C THR B 87 -9.16 26.27 32.55
N LEU B 88 -9.27 25.60 33.72
CA LEU B 88 -10.50 25.53 34.49
C LEU B 88 -10.35 26.09 35.91
N SER B 89 -11.13 27.17 36.15
CA SER B 89 -11.25 27.90 37.41
C SER B 89 -11.64 26.96 38.54
N GLN B 90 -12.73 26.16 38.32
CA GLN B 90 -13.24 25.18 39.28
C GLN B 90 -13.62 23.84 38.63
N PRO B 91 -13.39 22.70 39.33
CA PRO B 91 -13.70 21.37 38.76
C PRO B 91 -15.01 21.28 37.97
N LYS B 92 -14.89 20.75 36.74
CA LYS B 92 -15.96 20.54 35.78
C LYS B 92 -16.33 19.04 35.84
N ILE B 93 -17.55 18.74 36.32
CA ILE B 93 -18.01 17.36 36.46
C ILE B 93 -18.99 16.99 35.36
N VAL B 94 -18.76 15.85 34.70
CA VAL B 94 -19.64 15.33 33.65
C VAL B 94 -20.23 14.01 34.19
N LYS B 95 -21.57 13.96 34.32
CA LYS B 95 -22.32 12.80 34.80
C LYS B 95 -22.28 11.70 33.76
N TRP B 96 -22.11 10.44 34.22
CA TRP B 96 -22.11 9.28 33.36
C TRP B 96 -23.56 9.04 32.90
N ASP B 97 -23.88 9.41 31.64
CA ASP B 97 -25.21 9.22 31.04
C ASP B 97 -25.28 7.75 30.61
N ARG B 98 -26.21 7.00 31.22
CA ARG B 98 -26.45 5.56 31.01
C ARG B 98 -26.25 5.14 29.54
N ASP B 99 -26.67 6.04 28.60
CA ASP B 99 -26.60 5.96 27.13
C ASP B 99 -25.34 6.70 26.67
N THR C 1 12.04 -0.37 18.26
CA THR C 1 13.46 -0.15 18.53
C THR C 1 13.66 1.33 18.59
N TYR C 2 14.04 1.84 19.76
CA TYR C 2 14.22 3.27 19.98
C TYR C 2 15.43 3.84 19.24
N GLN C 3 15.38 5.15 18.95
CA GLN C 3 16.44 5.86 18.24
C GLN C 3 17.38 6.56 19.20
N TRP C 4 18.63 6.71 18.76
CA TRP C 4 19.65 7.41 19.48
C TRP C 4 19.42 8.90 19.27
N ILE C 5 18.80 9.59 20.28
CA ILE C 5 18.56 11.04 20.24
C ILE C 5 19.64 11.65 21.12
N ILE C 6 20.88 11.72 20.60
CA ILE C 6 22.08 12.14 21.34
C ILE C 6 22.64 13.56 20.99
N ARG C 7 21.95 14.28 20.11
CA ARG C 7 22.31 15.63 19.71
C ARG C 7 21.31 16.67 20.22
N ASN C 8 21.78 17.63 21.04
CA ASN C 8 20.90 18.68 21.54
C ASN C 8 20.68 19.82 20.50
N TRP C 9 19.82 20.77 20.87
CA TRP C 9 19.42 21.92 20.06
C TRP C 9 20.51 22.94 19.80
N GLU C 10 21.53 22.98 20.66
CA GLU C 10 22.67 23.91 20.57
C GLU C 10 23.92 23.25 19.94
N THR C 11 23.89 21.93 19.72
CA THR C 11 25.04 21.24 19.12
C THR C 11 24.91 21.25 17.58
N GLY D 1 2.55 -8.67 -41.83
CA GLY D 1 2.96 -7.30 -42.15
C GLY D 1 4.09 -6.77 -41.28
N SER D 2 3.78 -5.76 -40.45
CA SER D 2 4.74 -5.12 -39.55
C SER D 2 5.18 -6.04 -38.40
N HIS D 3 6.42 -6.57 -38.46
CA HIS D 3 6.94 -7.44 -37.39
C HIS D 3 7.88 -6.69 -36.44
N SER D 4 8.08 -7.21 -35.20
CA SER D 4 8.91 -6.53 -34.20
C SER D 4 9.73 -7.43 -33.31
N MET D 5 11.00 -7.04 -33.06
CA MET D 5 11.86 -7.72 -32.11
C MET D 5 11.96 -6.80 -30.92
N ARG D 6 11.81 -7.38 -29.73
CA ARG D 6 11.85 -6.66 -28.48
C ARG D 6 12.55 -7.49 -27.44
N TYR D 7 13.13 -6.76 -26.46
CA TYR D 7 13.74 -7.35 -25.29
C TYR D 7 13.33 -6.55 -24.08
N PHE D 8 13.05 -7.26 -22.98
CA PHE D 8 12.56 -6.65 -21.74
C PHE D 8 13.40 -7.05 -20.52
N SER D 9 14.24 -6.11 -20.05
CA SER D 9 15.08 -6.34 -18.88
C SER D 9 14.41 -5.78 -17.65
N THR D 10 14.42 -6.55 -16.57
CA THR D 10 13.92 -6.14 -15.25
C THR D 10 14.96 -6.45 -14.20
N SER D 11 15.50 -5.39 -13.57
CA SER D 11 16.47 -5.46 -12.50
C SER D 11 15.80 -4.87 -11.26
N VAL D 12 15.80 -5.61 -10.14
CA VAL D 12 15.16 -5.25 -8.88
C VAL D 12 16.18 -5.42 -7.77
N SER D 13 16.65 -4.30 -7.17
CA SER D 13 17.59 -4.32 -6.05
C SER D 13 16.89 -4.78 -4.79
N ARG D 14 17.50 -5.71 -4.06
CA ARG D 14 16.94 -6.23 -2.81
C ARG D 14 17.94 -6.03 -1.65
N PRO D 15 17.98 -4.84 -1.01
CA PRO D 15 18.99 -4.59 0.05
C PRO D 15 18.99 -5.58 1.22
N GLY D 16 20.19 -6.04 1.55
CA GLY D 16 20.43 -7.02 2.59
C GLY D 16 20.37 -8.46 2.09
N ARG D 17 19.35 -8.77 1.24
CA ARG D 17 19.17 -10.11 0.70
C ARG D 17 19.96 -10.35 -0.60
N GLY D 18 21.07 -9.63 -0.76
CA GLY D 18 21.99 -9.78 -1.89
C GLY D 18 21.88 -8.79 -3.03
N GLU D 19 22.68 -9.05 -4.09
CA GLU D 19 22.73 -8.24 -5.32
C GLU D 19 21.40 -8.34 -6.12
N PRO D 20 21.05 -7.30 -6.91
CA PRO D 20 19.80 -7.36 -7.70
C PRO D 20 19.52 -8.65 -8.50
N ARG D 21 18.23 -8.89 -8.76
CA ARG D 21 17.72 -9.99 -9.61
C ARG D 21 17.41 -9.41 -10.98
N PHE D 22 18.14 -9.90 -11.99
CA PHE D 22 17.96 -9.51 -13.38
C PHE D 22 17.20 -10.59 -14.12
N ILE D 23 16.07 -10.20 -14.72
CA ILE D 23 15.28 -11.07 -15.58
C ILE D 23 15.20 -10.37 -16.94
N ALA D 24 15.63 -11.07 -18.02
CA ALA D 24 15.54 -10.58 -19.40
C ALA D 24 14.74 -11.58 -20.29
N VAL D 25 13.78 -11.04 -21.08
CA VAL D 25 12.92 -11.80 -21.98
C VAL D 25 12.95 -11.24 -23.39
N GLY D 26 13.11 -12.11 -24.37
CA GLY D 26 13.11 -11.73 -25.77
C GLY D 26 11.77 -12.10 -26.40
N TYR D 27 11.32 -11.29 -27.36
CA TYR D 27 10.06 -11.51 -28.05
C TYR D 27 10.13 -11.15 -29.52
N VAL D 28 9.43 -11.91 -30.34
CA VAL D 28 9.19 -11.59 -31.74
C VAL D 28 7.66 -11.47 -31.83
N ASP D 29 7.18 -10.27 -32.21
CA ASP D 29 5.77 -9.93 -32.26
C ASP D 29 5.21 -10.25 -30.88
N ASP D 30 4.27 -11.19 -30.80
CA ASP D 30 3.64 -11.56 -29.54
C ASP D 30 4.22 -12.79 -28.86
N THR D 31 4.98 -13.60 -29.60
CA THR D 31 5.54 -14.84 -29.06
C THR D 31 6.92 -14.63 -28.40
N GLN D 32 7.09 -15.17 -27.17
CA GLN D 32 8.34 -15.14 -26.41
C GLN D 32 9.26 -16.11 -27.11
N PHE D 33 10.58 -15.88 -27.05
CA PHE D 33 11.47 -16.82 -27.71
C PHE D 33 12.67 -17.21 -26.88
N VAL D 34 13.14 -16.32 -25.95
CA VAL D 34 14.28 -16.57 -25.04
C VAL D 34 14.10 -15.91 -23.64
N ARG D 35 14.78 -16.46 -22.62
CA ARG D 35 14.78 -15.87 -21.30
C ARG D 35 16.13 -16.05 -20.59
N PHE D 36 16.43 -15.11 -19.70
CA PHE D 36 17.62 -15.13 -18.87
C PHE D 36 17.18 -14.67 -17.50
N ASP D 37 17.59 -15.40 -16.46
CA ASP D 37 17.24 -15.04 -15.09
C ASP D 37 18.47 -15.26 -14.25
N SER D 38 19.06 -14.16 -13.72
CA SER D 38 20.29 -14.15 -12.89
C SER D 38 20.25 -15.15 -11.71
N ASP D 39 19.04 -15.39 -11.12
CA ASP D 39 18.80 -16.32 -10.00
C ASP D 39 18.80 -17.83 -10.40
N ALA D 40 18.35 -18.15 -11.66
CA ALA D 40 18.32 -19.52 -12.20
C ALA D 40 19.69 -20.20 -12.16
N ALA D 41 19.64 -21.53 -11.88
CA ALA D 41 20.78 -22.44 -11.78
C ALA D 41 21.69 -22.35 -13.02
N SER D 42 21.03 -22.45 -14.22
CA SER D 42 21.51 -22.40 -15.61
C SER D 42 22.69 -21.45 -15.91
N GLN D 43 22.52 -20.15 -15.62
CA GLN D 43 23.45 -19.05 -15.89
C GLN D 43 23.58 -18.85 -17.42
N ARG D 44 22.47 -19.17 -18.14
CA ARG D 44 22.42 -19.12 -19.58
C ARG D 44 21.17 -18.45 -20.12
N MET D 45 21.28 -18.03 -21.39
CA MET D 45 20.21 -17.50 -22.21
C MET D 45 19.55 -18.82 -22.63
N GLU D 46 18.33 -19.05 -22.15
CA GLU D 46 17.61 -20.29 -22.38
C GLU D 46 16.62 -20.09 -23.51
N PRO D 47 16.26 -21.16 -24.26
CA PRO D 47 15.23 -20.99 -25.30
C PRO D 47 13.83 -21.10 -24.72
N ARG D 48 12.86 -20.35 -25.28
CA ARG D 48 11.45 -20.38 -24.86
C ARG D 48 10.48 -20.33 -26.07
N ALA D 49 10.88 -21.00 -27.15
CA ALA D 49 10.16 -21.19 -28.41
C ALA D 49 10.90 -22.29 -29.17
N PRO D 50 10.22 -23.30 -29.74
CA PRO D 50 10.95 -24.41 -30.40
C PRO D 50 11.70 -24.04 -31.68
N TRP D 51 11.42 -22.87 -32.28
CA TRP D 51 12.11 -22.44 -33.50
C TRP D 51 13.50 -21.82 -33.27
N ILE D 52 13.90 -21.62 -32.00
CA ILE D 52 15.21 -21.07 -31.63
C ILE D 52 16.10 -22.16 -31.00
N GLU D 53 15.49 -23.27 -30.53
CA GLU D 53 16.21 -24.39 -29.89
C GLU D 53 17.24 -24.99 -30.84
N GLN D 54 16.94 -24.91 -32.16
CA GLN D 54 17.77 -25.36 -33.28
C GLN D 54 19.08 -24.53 -33.46
N GLU D 55 19.29 -23.44 -32.66
CA GLU D 55 20.49 -22.59 -32.73
C GLU D 55 21.72 -23.29 -32.19
N GLY D 56 22.87 -22.97 -32.77
CA GLY D 56 24.15 -23.55 -32.39
C GLY D 56 24.68 -23.07 -31.05
N PRO D 57 25.73 -23.74 -30.50
CA PRO D 57 26.28 -23.26 -29.22
C PRO D 57 26.90 -21.88 -29.35
N GLU D 58 27.32 -21.50 -30.59
CA GLU D 58 27.89 -20.19 -30.95
C GLU D 58 26.91 -19.07 -30.52
N TYR D 59 25.61 -19.24 -30.89
CA TYR D 59 24.49 -18.35 -30.57
C TYR D 59 24.28 -18.23 -29.06
N TRP D 60 24.14 -19.37 -28.36
CA TRP D 60 23.92 -19.40 -26.92
C TRP D 60 25.12 -18.86 -26.11
N ASP D 61 26.37 -19.07 -26.57
CA ASP D 61 27.54 -18.52 -25.89
C ASP D 61 27.53 -17.02 -26.08
N GLU D 62 27.18 -16.55 -27.31
CA GLU D 62 27.10 -15.15 -27.71
C GLU D 62 26.02 -14.41 -26.92
N GLU D 63 24.76 -14.86 -27.02
CA GLU D 63 23.64 -14.28 -26.29
C GLU D 63 23.84 -14.30 -24.76
N THR D 64 24.39 -15.41 -24.20
CA THR D 64 24.66 -15.50 -22.76
C THR D 64 25.63 -14.40 -22.28
N GLY D 65 26.65 -14.10 -23.07
CA GLY D 65 27.62 -13.06 -22.74
C GLY D 65 27.02 -11.67 -22.69
N LYS D 66 26.29 -11.27 -23.76
CA LYS D 66 25.62 -9.98 -23.93
C LYS D 66 24.62 -9.62 -22.85
N VAL D 67 23.82 -10.61 -22.40
CA VAL D 67 22.78 -10.43 -21.39
C VAL D 67 23.38 -10.29 -19.98
N LYS D 68 24.57 -10.87 -19.79
CA LYS D 68 25.30 -10.81 -18.55
C LYS D 68 25.95 -9.43 -18.50
N ALA D 69 26.38 -8.91 -19.65
CA ALA D 69 26.96 -7.57 -19.77
C ALA D 69 25.89 -6.55 -19.36
N HIS D 70 24.66 -6.70 -19.91
CA HIS D 70 23.53 -5.84 -19.58
C HIS D 70 23.24 -5.90 -18.08
N SER D 71 23.13 -7.12 -17.53
CA SER D 71 22.88 -7.38 -16.11
C SER D 71 23.74 -6.48 -15.21
N GLN D 72 25.09 -6.53 -15.44
CA GLN D 72 26.12 -5.75 -14.76
C GLN D 72 25.85 -4.26 -14.91
N THR D 73 25.64 -3.78 -16.17
CA THR D 73 25.38 -2.37 -16.46
C THR D 73 24.18 -1.83 -15.70
N ASP D 74 23.09 -2.60 -15.59
CA ASP D 74 21.93 -2.13 -14.86
C ASP D 74 22.13 -2.22 -13.33
N ARG D 75 23.14 -2.97 -12.87
CA ARG D 75 23.41 -2.97 -11.44
C ARG D 75 24.12 -1.64 -11.17
N GLU D 76 24.89 -1.14 -12.15
CA GLU D 76 25.60 0.12 -12.08
C GLU D 76 24.58 1.22 -12.09
N ASN D 77 23.55 1.08 -12.95
CA ASN D 77 22.48 2.06 -13.06
C ASN D 77 21.64 2.09 -11.81
N LEU D 78 21.37 0.94 -11.19
CA LEU D 78 20.61 0.90 -9.92
C LEU D 78 21.33 1.67 -8.83
N ARG D 79 22.67 1.52 -8.77
CA ARG D 79 23.54 2.23 -7.82
C ARG D 79 23.64 3.73 -8.19
N ILE D 80 23.67 4.04 -9.50
CA ILE D 80 23.76 5.41 -10.03
C ILE D 80 22.52 6.20 -9.67
N ALA D 81 21.33 5.63 -9.98
CA ALA D 81 20.00 6.19 -9.74
C ALA D 81 19.86 6.74 -8.35
N LEU D 82 20.35 6.02 -7.33
CA LEU D 82 20.32 6.42 -5.92
C LEU D 82 20.99 7.81 -5.72
N ARG D 83 22.15 8.04 -6.35
CA ARG D 83 22.83 9.32 -6.23
C ARG D 83 22.02 10.40 -6.93
N TYR D 84 21.54 10.12 -8.16
CA TYR D 84 20.77 11.05 -8.99
C TYR D 84 19.42 11.41 -8.35
N TYR D 85 18.76 10.45 -7.67
CA TYR D 85 17.46 10.63 -7.03
C TYR D 85 17.52 10.87 -5.52
N ASN D 86 18.74 10.93 -4.93
CA ASN D 86 18.97 11.15 -3.50
C ASN D 86 18.18 10.12 -2.72
N GLN D 87 18.53 8.85 -2.91
CA GLN D 87 17.87 7.71 -2.25
C GLN D 87 18.86 6.88 -1.45
N SER D 88 18.41 6.36 -0.31
CA SER D 88 19.25 5.50 0.51
C SER D 88 19.28 4.10 -0.09
N GLU D 89 20.43 3.43 0.07
CA GLU D 89 20.61 2.07 -0.39
C GLU D 89 19.87 1.07 0.54
N ALA D 90 18.79 1.53 1.18
CA ALA D 90 17.95 0.80 2.11
C ALA D 90 16.72 0.19 1.43
N GLY D 91 16.22 0.85 0.38
CA GLY D 91 15.03 0.42 -0.33
C GLY D 91 15.21 -0.35 -1.62
N SER D 92 14.11 -0.95 -2.08
CA SER D 92 14.07 -1.70 -3.32
C SER D 92 13.66 -0.78 -4.47
N HIS D 93 14.34 -0.95 -5.61
CA HIS D 93 14.09 -0.15 -6.79
C HIS D 93 13.99 -1.03 -8.03
N THR D 94 13.36 -0.52 -9.10
CA THR D 94 13.13 -1.28 -10.32
C THR D 94 13.69 -0.50 -11.51
N LEU D 95 14.53 -1.19 -12.30
CA LEU D 95 15.18 -0.65 -13.49
C LEU D 95 14.84 -1.54 -14.66
N GLN D 96 13.93 -1.07 -15.51
CA GLN D 96 13.44 -1.77 -16.68
C GLN D 96 14.02 -1.22 -17.92
N MET D 97 14.43 -2.11 -18.82
CA MET D 97 14.97 -1.74 -20.11
C MET D 97 14.22 -2.39 -21.24
N MET D 98 14.00 -1.60 -22.28
CA MET D 98 13.34 -2.07 -23.48
C MET D 98 14.14 -1.62 -24.68
N PHE D 99 14.64 -2.59 -25.44
CA PHE D 99 15.34 -2.32 -26.68
C PHE D 99 14.79 -3.25 -27.76
N GLY D 100 14.85 -2.77 -29.00
CA GLY D 100 14.39 -3.52 -30.17
C GLY D 100 14.32 -2.73 -31.46
N CYS D 101 13.60 -3.29 -32.44
CA CYS D 101 13.41 -2.69 -33.77
C CYS D 101 12.07 -3.12 -34.38
N ASP D 102 11.54 -2.27 -35.30
CA ASP D 102 10.30 -2.50 -36.05
C ASP D 102 10.59 -2.64 -37.54
N VAL D 103 9.95 -3.61 -38.21
CA VAL D 103 10.07 -3.87 -39.65
C VAL D 103 8.62 -3.88 -40.24
N GLY D 104 8.40 -3.33 -41.45
CA GLY D 104 7.03 -3.23 -41.96
C GLY D 104 6.64 -3.83 -43.29
N SER D 105 6.26 -5.16 -43.30
CA SER D 105 5.83 -6.04 -44.42
C SER D 105 6.90 -6.19 -45.54
N ASP D 106 7.51 -5.06 -45.97
CA ASP D 106 8.61 -4.96 -46.96
C ASP D 106 9.99 -5.40 -46.38
N GLY D 107 10.03 -5.66 -45.07
CA GLY D 107 11.22 -6.11 -44.33
C GLY D 107 12.21 -5.02 -43.96
N ARG D 108 11.84 -3.76 -44.22
CA ARG D 108 12.66 -2.57 -43.97
C ARG D 108 12.53 -2.02 -42.55
N PHE D 109 13.68 -1.51 -42.03
CA PHE D 109 13.78 -0.88 -40.72
C PHE D 109 12.85 0.31 -40.64
N LEU D 110 11.94 0.26 -39.66
CA LEU D 110 10.92 1.26 -39.40
C LEU D 110 11.35 2.15 -38.25
N ARG D 111 11.42 1.61 -37.03
CA ARG D 111 11.81 2.32 -35.81
C ARG D 111 12.81 1.52 -35.00
N GLY D 112 13.58 2.26 -34.22
CA GLY D 112 14.61 1.77 -33.30
C GLY D 112 14.30 2.21 -31.88
N TYR D 113 14.36 1.26 -30.93
CA TYR D 113 14.05 1.50 -29.53
C TYR D 113 15.22 1.13 -28.62
N HIS D 114 15.51 2.02 -27.67
CA HIS D 114 16.53 1.87 -26.65
C HIS D 114 16.06 2.72 -25.48
N GLN D 115 15.35 2.12 -24.49
CA GLN D 115 14.80 2.92 -23.38
C GLN D 115 14.80 2.28 -22.01
N TYR D 116 14.82 3.16 -21.01
CA TYR D 116 14.90 2.90 -19.59
C TYR D 116 13.76 3.55 -18.82
N ALA D 117 13.34 2.86 -17.76
CA ALA D 117 12.34 3.27 -16.79
C ALA D 117 12.89 2.99 -15.43
N TYR D 118 12.80 3.99 -14.56
CA TYR D 118 13.21 3.87 -13.20
C TYR D 118 11.98 3.98 -12.29
N ASP D 119 11.70 2.88 -11.55
CA ASP D 119 10.59 2.68 -10.61
C ASP D 119 9.23 2.94 -11.25
N GLY D 120 9.01 2.36 -12.44
CA GLY D 120 7.77 2.56 -13.18
C GLY D 120 7.76 3.77 -14.11
N LYS D 121 8.34 4.91 -13.65
CA LYS D 121 8.41 6.16 -14.42
C LYS D 121 9.45 6.12 -15.54
N ASP D 122 9.20 6.85 -16.63
CA ASP D 122 10.14 6.91 -17.75
C ASP D 122 11.42 7.63 -17.34
N TYR D 123 12.57 7.00 -17.57
CA TYR D 123 13.85 7.62 -17.25
C TYR D 123 14.36 8.30 -18.49
N ILE D 124 14.94 7.52 -19.43
CA ILE D 124 15.44 8.02 -20.72
C ILE D 124 14.97 7.09 -21.87
N ALA D 125 14.86 7.66 -23.07
CA ALA D 125 14.43 6.92 -24.26
C ALA D 125 15.10 7.51 -25.47
N LEU D 126 15.58 6.62 -26.38
CA LEU D 126 16.18 7.05 -27.62
C LEU D 126 15.06 7.47 -28.54
N LYS D 127 15.16 8.70 -29.09
CA LYS D 127 14.15 9.29 -29.99
C LYS D 127 14.11 8.60 -31.36
N GLU D 128 12.99 8.74 -32.11
CA GLU D 128 12.75 8.18 -33.46
C GLU D 128 13.83 8.63 -34.47
N ASP D 129 14.34 9.89 -34.32
CA ASP D 129 15.39 10.45 -35.16
C ASP D 129 16.73 9.70 -35.05
N LEU D 130 16.91 8.94 -33.93
CA LEU D 130 18.10 8.16 -33.55
C LEU D 130 19.35 9.03 -33.49
N ARG D 131 19.17 10.29 -33.02
CA ARG D 131 20.22 11.33 -32.87
C ARG D 131 20.24 11.91 -31.43
N SER D 132 19.03 12.19 -30.82
CA SER D 132 18.83 12.74 -29.46
C SER D 132 17.99 11.82 -28.53
N TRP D 133 17.75 12.21 -27.25
CA TRP D 133 17.04 11.40 -26.25
C TRP D 133 15.94 12.14 -25.47
N THR D 134 14.81 11.48 -25.14
CA THR D 134 13.80 12.15 -24.32
C THR D 134 14.04 11.80 -22.82
N ALA D 135 14.55 12.79 -22.06
CA ALA D 135 14.84 12.67 -20.64
C ALA D 135 13.62 13.20 -19.91
N ALA D 136 12.83 12.29 -19.32
CA ALA D 136 11.59 12.67 -18.62
C ALA D 136 11.82 13.69 -17.50
N ASP D 137 12.50 13.31 -16.39
CA ASP D 137 12.75 14.23 -15.29
C ASP D 137 14.13 14.92 -15.36
N MET D 138 14.58 15.54 -14.25
CA MET D 138 15.87 16.22 -14.16
C MET D 138 17.02 15.29 -14.00
N ALA D 139 16.90 14.23 -13.16
CA ALA D 139 17.98 13.25 -13.00
C ALA D 139 18.41 12.66 -14.38
N ALA D 140 17.41 12.30 -15.25
CA ALA D 140 17.61 11.78 -16.61
C ALA D 140 18.27 12.79 -17.55
N GLN D 141 18.16 14.08 -17.21
CA GLN D 141 18.76 15.15 -18.02
C GLN D 141 20.31 15.14 -17.91
N ILE D 142 20.86 14.54 -16.82
CA ILE D 142 22.31 14.38 -16.61
C ILE D 142 22.84 13.35 -17.65
N THR D 143 22.13 12.19 -17.78
CA THR D 143 22.41 11.14 -18.76
C THR D 143 22.12 11.68 -20.19
N LYS D 144 21.11 12.58 -20.33
CA LYS D 144 20.82 13.19 -21.64
C LYS D 144 22.06 13.98 -22.08
N ARG D 145 22.62 14.81 -21.15
CA ARG D 145 23.80 15.64 -21.39
C ARG D 145 25.02 14.76 -21.69
N LYS D 146 25.32 13.81 -20.80
CA LYS D 146 26.43 12.86 -20.90
C LYS D 146 26.40 12.05 -22.22
N TRP D 147 25.26 11.37 -22.52
CA TRP D 147 25.10 10.47 -23.67
C TRP D 147 25.00 11.18 -24.98
N GLU D 148 24.73 12.47 -24.97
CA GLU D 148 24.67 13.16 -26.25
C GLU D 148 26.09 13.56 -26.64
N ALA D 149 26.80 14.18 -25.69
CA ALA D 149 28.19 14.62 -25.82
C ALA D 149 29.02 13.48 -26.40
N ALA D 150 28.88 12.24 -25.86
CA ALA D 150 29.59 11.01 -26.27
C ALA D 150 29.05 10.30 -27.56
N HIS D 151 28.07 10.92 -28.25
CA HIS D 151 27.46 10.41 -29.48
C HIS D 151 27.00 8.92 -29.39
N VAL D 152 26.54 8.47 -28.20
CA VAL D 152 26.04 7.12 -27.89
C VAL D 152 24.94 6.67 -28.89
N ALA D 153 24.04 7.61 -29.27
CA ALA D 153 22.95 7.36 -30.22
C ALA D 153 23.48 6.82 -31.53
N GLU D 154 24.35 7.58 -32.22
CA GLU D 154 24.98 7.17 -33.48
C GLU D 154 25.74 5.84 -33.32
N GLN D 155 26.16 5.52 -32.09
CA GLN D 155 26.83 4.27 -31.75
C GLN D 155 25.84 3.07 -31.70
N GLN D 156 24.55 3.35 -31.45
CA GLN D 156 23.50 2.32 -31.40
C GLN D 156 23.07 1.92 -32.81
N ARG D 157 23.08 2.90 -33.76
CA ARG D 157 22.65 2.74 -35.16
C ARG D 157 23.00 1.35 -35.72
N ALA D 158 24.29 0.94 -35.53
CA ALA D 158 24.86 -0.36 -35.87
C ALA D 158 23.91 -1.52 -35.53
N TYR D 159 23.51 -1.63 -34.24
CA TYR D 159 22.60 -2.68 -33.77
C TYR D 159 21.18 -2.47 -34.28
N LEU D 160 20.57 -1.31 -33.96
CA LEU D 160 19.18 -1.04 -34.32
C LEU D 160 18.87 -1.30 -35.80
N GLU D 161 19.49 -0.50 -36.71
CA GLU D 161 19.34 -0.56 -38.16
C GLU D 161 19.87 -1.83 -38.80
N GLY D 162 20.91 -2.40 -38.22
CA GLY D 162 21.57 -3.55 -38.82
C GLY D 162 21.28 -4.90 -38.21
N THR D 163 21.94 -5.20 -37.07
CA THR D 163 21.87 -6.48 -36.35
C THR D 163 20.45 -6.85 -35.97
N CYS D 164 19.68 -5.92 -35.39
CA CYS D 164 18.30 -6.19 -35.03
C CYS D 164 17.38 -6.58 -36.21
N VAL D 165 17.50 -5.91 -37.38
CA VAL D 165 16.66 -6.23 -38.53
C VAL D 165 17.11 -7.57 -39.19
N ASP D 166 18.44 -7.84 -39.19
CA ASP D 166 19.03 -9.06 -39.73
C ASP D 166 18.69 -10.24 -38.84
N GLY D 167 18.58 -9.99 -37.54
CA GLY D 167 18.22 -11.01 -36.56
C GLY D 167 16.75 -11.37 -36.66
N LEU D 168 15.88 -10.35 -36.75
CA LEU D 168 14.42 -10.46 -36.87
C LEU D 168 14.09 -11.29 -38.12
N ARG D 169 14.34 -10.70 -39.33
CA ARG D 169 14.17 -11.28 -40.65
C ARG D 169 14.51 -12.78 -40.66
N ARG D 170 15.65 -13.16 -40.02
CA ARG D 170 16.09 -14.55 -39.93
C ARG D 170 15.21 -15.38 -39.02
N TYR D 171 14.92 -14.90 -37.78
CA TYR D 171 14.10 -15.60 -36.77
C TYR D 171 12.77 -15.94 -37.37
N LEU D 172 12.20 -14.98 -38.13
CA LEU D 172 10.94 -15.12 -38.85
C LEU D 172 11.04 -16.23 -39.88
N GLU D 173 12.22 -16.41 -40.49
CA GLU D 173 12.41 -17.47 -41.48
C GLU D 173 12.58 -18.81 -40.79
N ASN D 174 13.50 -18.90 -39.82
CA ASN D 174 13.75 -20.14 -39.07
C ASN D 174 12.51 -20.68 -38.33
N GLY D 175 11.41 -19.91 -38.37
CA GLY D 175 10.11 -20.24 -37.81
C GLY D 175 9.00 -19.58 -38.60
N LYS D 176 8.95 -19.87 -39.93
CA LYS D 176 8.01 -19.32 -40.91
C LYS D 176 6.54 -19.35 -40.46
N GLU D 177 5.88 -20.50 -40.62
CA GLU D 177 4.46 -20.69 -40.29
C GLU D 177 4.21 -20.84 -38.77
N THR D 178 5.17 -20.41 -37.93
CA THR D 178 5.07 -20.44 -36.47
C THR D 178 4.92 -19.00 -35.93
N LEU D 179 5.40 -18.03 -36.70
CA LEU D 179 5.32 -16.58 -36.41
C LEU D 179 4.39 -15.92 -37.43
N GLN D 180 4.39 -16.43 -38.67
CA GLN D 180 3.54 -15.95 -39.75
C GLN D 180 2.33 -16.90 -40.01
N ARG D 181 1.83 -17.48 -38.91
CA ARG D 181 0.66 -18.36 -38.88
C ARG D 181 -0.50 -17.47 -38.49
N THR D 182 -1.34 -17.08 -39.45
CA THR D 182 -2.48 -16.24 -39.16
C THR D 182 -3.66 -17.14 -38.74
N ASP D 183 -3.55 -17.68 -37.50
CA ASP D 183 -4.52 -18.58 -36.85
C ASP D 183 -5.81 -17.78 -36.64
N PRO D 184 -6.89 -18.07 -37.42
CA PRO D 184 -8.13 -17.31 -37.25
C PRO D 184 -8.83 -17.69 -35.95
N PRO D 185 -9.56 -16.73 -35.34
CA PRO D 185 -10.21 -17.00 -34.06
C PRO D 185 -11.39 -17.96 -34.16
N LYS D 186 -11.54 -18.81 -33.13
CA LYS D 186 -12.68 -19.72 -33.00
C LYS D 186 -13.78 -18.80 -32.50
N THR D 187 -14.86 -18.63 -33.28
CA THR D 187 -15.91 -17.69 -32.86
C THR D 187 -17.23 -18.35 -32.60
N HIS D 188 -17.94 -17.85 -31.60
CA HIS D 188 -19.27 -18.32 -31.18
C HIS D 188 -19.94 -17.37 -30.19
N MET D 189 -21.18 -17.71 -29.81
CA MET D 189 -22.00 -16.91 -28.94
C MET D 189 -22.65 -17.75 -27.84
N THR D 190 -22.58 -17.27 -26.59
CA THR D 190 -23.23 -17.93 -25.45
C THR D 190 -24.28 -16.98 -24.90
N HIS D 191 -25.42 -17.52 -24.49
CA HIS D 191 -26.53 -16.74 -23.96
C HIS D 191 -26.83 -17.23 -22.54
N HIS D 192 -26.81 -16.30 -21.58
CA HIS D 192 -27.09 -16.61 -20.17
C HIS D 192 -28.22 -15.73 -19.60
N PRO D 193 -29.44 -16.26 -19.35
CA PRO D 193 -30.50 -15.40 -18.78
C PRO D 193 -30.19 -14.94 -17.36
N ILE D 194 -30.61 -13.70 -17.03
CA ILE D 194 -30.38 -13.08 -15.71
C ILE D 194 -31.65 -13.21 -14.84
N SER D 195 -32.83 -13.08 -15.46
CA SER D 195 -34.16 -13.20 -14.83
C SER D 195 -35.22 -13.61 -15.89
N ASP D 196 -36.48 -13.19 -15.71
CA ASP D 196 -37.57 -13.52 -16.64
C ASP D 196 -37.77 -12.43 -17.73
N HIS D 197 -36.81 -11.47 -17.80
CA HIS D 197 -36.81 -10.36 -18.76
C HIS D 197 -35.41 -10.00 -19.31
N GLU D 198 -34.35 -10.12 -18.48
CA GLU D 198 -32.95 -9.84 -18.85
C GLU D 198 -32.25 -11.15 -19.27
N ALA D 199 -31.20 -11.04 -20.12
CA ALA D 199 -30.38 -12.17 -20.61
C ALA D 199 -29.07 -11.68 -21.25
N THR D 200 -27.93 -11.91 -20.59
CA THR D 200 -26.63 -11.49 -21.13
C THR D 200 -26.19 -12.36 -22.36
N LEU D 201 -25.49 -11.72 -23.33
CA LEU D 201 -25.00 -12.35 -24.56
C LEU D 201 -23.50 -12.13 -24.77
N ARG D 202 -22.69 -13.20 -24.60
CA ARG D 202 -21.24 -13.14 -24.78
C ARG D 202 -20.85 -13.56 -26.19
N CYS D 203 -19.85 -12.89 -26.76
CA CYS D 203 -19.36 -13.21 -28.09
C CYS D 203 -17.92 -13.52 -27.91
N TRP D 204 -17.53 -14.75 -28.27
CA TRP D 204 -16.19 -15.27 -28.03
C TRP D 204 -15.26 -15.25 -29.23
N ALA D 205 -13.96 -15.30 -28.94
CA ALA D 205 -12.84 -15.37 -29.89
C ALA D 205 -11.79 -16.12 -29.09
N LEU D 206 -11.29 -17.28 -29.59
CA LEU D 206 -10.38 -18.08 -28.74
C LEU D 206 -9.06 -18.60 -29.37
N GLY D 207 -9.11 -19.39 -30.44
CA GLY D 207 -7.87 -19.92 -30.98
C GLY D 207 -7.23 -18.95 -31.95
N PHE D 208 -6.98 -17.69 -31.49
CA PHE D 208 -6.43 -16.66 -32.37
C PHE D 208 -5.02 -16.20 -32.06
N TYR D 209 -4.33 -15.83 -33.15
CA TYR D 209 -3.01 -15.22 -33.21
C TYR D 209 -3.04 -14.25 -34.39
N PRO D 210 -2.56 -13.00 -34.23
CA PRO D 210 -1.91 -12.43 -33.04
C PRO D 210 -2.89 -11.83 -32.03
N ALA D 211 -2.38 -11.10 -31.01
CA ALA D 211 -3.17 -10.44 -29.97
C ALA D 211 -4.29 -9.53 -30.51
N GLU D 212 -3.99 -8.63 -31.47
CA GLU D 212 -4.92 -7.67 -32.05
C GLU D 212 -6.15 -8.32 -32.64
N ILE D 213 -7.31 -7.81 -32.25
CA ILE D 213 -8.63 -8.23 -32.67
C ILE D 213 -9.60 -7.10 -32.34
N THR D 214 -10.80 -7.11 -32.93
CA THR D 214 -11.84 -6.12 -32.63
C THR D 214 -13.20 -6.77 -32.58
N LEU D 215 -13.69 -7.02 -31.36
CA LEU D 215 -15.00 -7.57 -31.12
C LEU D 215 -15.88 -6.36 -30.87
N THR D 216 -17.01 -6.24 -31.59
CA THR D 216 -17.91 -5.07 -31.43
C THR D 216 -19.39 -5.45 -31.61
N TRP D 217 -20.29 -4.90 -30.76
CA TRP D 217 -21.74 -5.19 -30.78
C TRP D 217 -22.58 -4.11 -31.47
N GLN D 218 -23.82 -4.47 -31.95
CA GLN D 218 -24.74 -3.53 -32.62
C GLN D 218 -26.26 -3.85 -32.44
N ARG D 219 -27.05 -2.85 -31.97
CA ARG D 219 -28.52 -2.89 -31.82
C ARG D 219 -29.14 -2.37 -33.14
N ASP D 220 -29.45 -3.27 -34.10
CA ASP D 220 -29.97 -2.97 -35.45
C ASP D 220 -28.96 -2.14 -36.30
N GLY D 221 -27.67 -2.42 -36.09
CA GLY D 221 -26.56 -1.77 -36.78
C GLY D 221 -26.07 -0.51 -36.10
N GLU D 222 -26.22 -0.40 -34.76
CA GLU D 222 -25.80 0.79 -34.00
C GLU D 222 -24.69 0.48 -32.99
N ASP D 223 -23.43 0.88 -33.32
CA ASP D 223 -22.21 0.64 -32.53
C ASP D 223 -22.41 0.90 -31.04
N GLN D 224 -22.68 -0.18 -30.30
CA GLN D 224 -22.88 -0.14 -28.86
C GLN D 224 -21.57 0.23 -28.17
N THR D 225 -21.45 1.54 -27.88
CA THR D 225 -20.32 2.16 -27.18
C THR D 225 -20.41 1.72 -25.70
N GLN D 226 -21.62 1.82 -25.12
CA GLN D 226 -21.95 1.40 -23.75
C GLN D 226 -22.86 0.17 -23.88
N ASP D 227 -23.23 -0.46 -22.73
CA ASP D 227 -24.05 -1.70 -22.62
C ASP D 227 -23.27 -2.97 -23.04
N THR D 228 -21.96 -2.81 -23.36
CA THR D 228 -20.98 -3.84 -23.74
C THR D 228 -20.01 -4.08 -22.58
N GLU D 229 -19.71 -5.36 -22.26
CA GLU D 229 -18.79 -5.71 -21.17
C GLU D 229 -17.48 -6.38 -21.68
N LEU D 230 -16.69 -5.61 -22.43
CA LEU D 230 -15.42 -6.06 -22.97
C LEU D 230 -14.41 -6.44 -21.85
N VAL D 231 -13.46 -7.36 -22.14
CA VAL D 231 -12.39 -7.77 -21.22
C VAL D 231 -11.06 -7.71 -21.96
N GLU D 232 -9.98 -7.39 -21.24
CA GLU D 232 -8.60 -7.29 -21.74
C GLU D 232 -8.22 -8.59 -22.52
N THR D 233 -7.64 -8.48 -23.75
CA THR D 233 -7.24 -9.66 -24.53
C THR D 233 -6.24 -10.51 -23.73
N ARG D 234 -6.75 -11.64 -23.19
CA ARG D 234 -6.03 -12.57 -22.34
C ARG D 234 -5.35 -13.73 -23.08
N PRO D 235 -4.15 -14.19 -22.64
CA PRO D 235 -3.50 -15.34 -23.30
C PRO D 235 -4.02 -16.75 -22.88
N ALA D 236 -4.19 -17.67 -23.86
CA ALA D 236 -4.65 -19.05 -23.58
C ALA D 236 -3.59 -19.89 -22.88
N GLY D 237 -2.32 -19.56 -23.05
CA GLY D 237 -1.24 -20.30 -22.39
C GLY D 237 -0.57 -21.32 -23.30
N ASP D 238 -1.00 -21.37 -24.58
CA ASP D 238 -0.44 -22.26 -25.59
C ASP D 238 0.31 -21.48 -26.73
N GLY D 239 -0.09 -20.23 -26.94
CA GLY D 239 0.43 -19.35 -27.97
C GLY D 239 -0.69 -18.48 -28.49
N THR D 240 -1.93 -18.99 -28.42
CA THR D 240 -3.15 -18.29 -28.85
C THR D 240 -3.65 -17.36 -27.73
N PHE D 241 -4.58 -16.44 -28.07
CA PHE D 241 -5.16 -15.50 -27.11
C PHE D 241 -6.66 -15.56 -27.24
N GLN D 242 -7.36 -15.38 -26.12
CA GLN D 242 -8.81 -15.34 -26.07
C GLN D 242 -9.34 -13.94 -25.72
N LYS D 243 -10.64 -13.67 -26.02
CA LYS D 243 -11.36 -12.42 -25.75
C LYS D 243 -12.88 -12.58 -25.94
N TRP D 244 -13.67 -11.90 -25.08
CA TRP D 244 -15.13 -11.91 -25.20
C TRP D 244 -15.72 -10.52 -24.99
N ALA D 245 -16.91 -10.30 -25.56
CA ALA D 245 -17.66 -9.04 -25.49
C ALA D 245 -19.10 -9.39 -25.16
N ALA D 246 -19.55 -8.99 -23.96
CA ALA D 246 -20.90 -9.29 -23.48
C ALA D 246 -21.88 -8.11 -23.61
N VAL D 247 -23.20 -8.39 -23.68
CA VAL D 247 -24.25 -7.38 -23.77
C VAL D 247 -25.45 -7.74 -22.91
N VAL D 248 -25.95 -6.79 -22.10
CA VAL D 248 -27.15 -7.01 -21.31
C VAL D 248 -28.33 -6.87 -22.30
N VAL D 249 -29.06 -7.97 -22.52
CA VAL D 249 -30.09 -8.04 -23.55
C VAL D 249 -31.50 -8.35 -23.00
N PRO D 250 -32.53 -7.55 -23.41
CA PRO D 250 -33.91 -7.87 -23.00
C PRO D 250 -34.48 -9.05 -23.82
N SER D 251 -35.29 -9.90 -23.16
CA SER D 251 -35.89 -11.12 -23.71
C SER D 251 -36.86 -10.90 -24.88
N GLY D 252 -36.72 -11.73 -25.91
CA GLY D 252 -37.56 -11.70 -27.11
C GLY D 252 -37.01 -10.90 -28.26
N GLU D 253 -36.01 -10.03 -28.00
CA GLU D 253 -35.38 -9.17 -29.01
C GLU D 253 -33.89 -9.52 -29.25
N GLU D 254 -33.61 -10.82 -29.44
CA GLU D 254 -32.25 -11.32 -29.65
C GLU D 254 -31.77 -11.13 -31.09
N GLN D 255 -32.70 -11.13 -32.05
CA GLN D 255 -32.41 -10.97 -33.48
C GLN D 255 -31.81 -9.60 -33.87
N ARG D 256 -32.02 -8.55 -33.04
CA ARG D 256 -31.49 -7.22 -33.37
C ARG D 256 -29.99 -7.08 -33.14
N TYR D 257 -29.50 -7.67 -32.03
CA TYR D 257 -28.10 -7.62 -31.63
C TYR D 257 -27.20 -8.47 -32.55
N THR D 258 -26.11 -7.87 -33.06
CA THR D 258 -25.12 -8.53 -33.92
C THR D 258 -23.70 -8.32 -33.39
N CYS D 259 -22.85 -9.36 -33.52
CA CYS D 259 -21.46 -9.36 -33.11
C CYS D 259 -20.53 -9.28 -34.33
N HIS D 260 -19.53 -8.38 -34.31
CA HIS D 260 -18.58 -8.14 -35.42
C HIS D 260 -17.17 -8.32 -34.97
N VAL D 261 -16.49 -9.25 -35.66
CA VAL D 261 -15.12 -9.64 -35.38
C VAL D 261 -14.22 -9.20 -36.54
N GLN D 262 -13.09 -8.55 -36.21
CA GLN D 262 -12.06 -8.07 -37.13
C GLN D 262 -10.78 -8.79 -36.76
N HIS D 263 -10.13 -9.46 -37.72
CA HIS D 263 -8.87 -10.18 -37.45
C HIS D 263 -8.00 -10.31 -38.68
N GLU D 264 -6.69 -10.61 -38.46
CA GLU D 264 -5.70 -10.81 -39.52
C GLU D 264 -5.98 -12.14 -40.27
N GLY D 265 -6.18 -13.23 -39.53
CA GLY D 265 -6.52 -14.53 -40.07
C GLY D 265 -7.93 -14.62 -40.64
N LEU D 266 -8.67 -13.50 -40.53
CA LEU D 266 -10.03 -13.37 -41.04
C LEU D 266 -10.00 -12.57 -42.34
N PRO D 267 -10.18 -13.22 -43.53
CA PRO D 267 -10.17 -12.46 -44.79
C PRO D 267 -11.30 -11.42 -44.75
N LYS D 268 -12.56 -11.88 -44.73
CA LYS D 268 -13.66 -10.95 -44.61
C LYS D 268 -14.14 -10.95 -43.14
N PRO D 269 -14.23 -9.75 -42.50
CA PRO D 269 -14.69 -9.68 -41.11
C PRO D 269 -16.10 -10.25 -40.90
N LEU D 270 -16.17 -11.20 -39.95
CA LEU D 270 -17.32 -11.99 -39.53
C LEU D 270 -18.38 -11.16 -38.84
N THR D 271 -19.64 -11.39 -39.22
CA THR D 271 -20.79 -10.75 -38.60
C THR D 271 -21.72 -11.85 -38.09
N LEU D 272 -21.77 -12.06 -36.76
CA LEU D 272 -22.57 -13.09 -36.09
C LEU D 272 -23.86 -12.62 -35.42
N ARG D 273 -24.91 -13.45 -35.54
CA ARG D 273 -26.26 -13.25 -34.98
C ARG D 273 -26.61 -14.47 -34.10
N TRP D 274 -27.54 -14.30 -33.13
CA TRP D 274 -27.95 -15.39 -32.26
C TRP D 274 -28.85 -16.45 -32.96
N MET E 1 8.23 6.58 -6.65
CA MET E 1 7.73 5.29 -7.13
C MET E 1 6.20 5.32 -7.37
N ILE E 2 5.77 5.15 -8.65
CA ILE E 2 4.33 5.07 -9.01
C ILE E 2 3.84 3.61 -8.88
N GLN E 3 2.79 3.39 -8.04
CA GLN E 3 2.26 2.05 -7.81
C GLN E 3 1.04 1.73 -8.65
N ARG E 4 0.95 0.48 -9.18
CA ARG E 4 -0.16 0.07 -10.03
C ARG E 4 -0.76 -1.28 -9.64
N THR E 5 -2.05 -1.25 -9.34
CA THR E 5 -2.86 -2.39 -8.91
C THR E 5 -3.09 -3.40 -10.05
N PRO E 6 -2.78 -4.69 -9.82
CA PRO E 6 -2.98 -5.69 -10.88
C PRO E 6 -4.40 -5.92 -11.34
N LYS E 7 -4.54 -6.16 -12.66
CA LYS E 7 -5.78 -6.50 -13.35
C LYS E 7 -5.83 -8.02 -13.25
N ILE E 8 -6.97 -8.57 -12.81
CA ILE E 8 -7.08 -10.00 -12.55
C ILE E 8 -8.05 -10.67 -13.50
N GLN E 9 -7.65 -11.82 -14.03
CA GLN E 9 -8.48 -12.63 -14.91
C GLN E 9 -8.27 -14.09 -14.60
N VAL E 10 -9.35 -14.80 -14.30
CA VAL E 10 -9.28 -16.23 -14.04
C VAL E 10 -10.17 -16.93 -15.05
N TYR E 11 -9.55 -17.79 -15.86
CA TYR E 11 -10.18 -18.44 -16.98
C TYR E 11 -9.48 -19.75 -17.33
N SER E 12 -10.14 -20.55 -18.15
CA SER E 12 -9.62 -21.82 -18.63
C SER E 12 -8.99 -21.62 -20.02
N ARG E 13 -8.00 -22.45 -20.38
CA ARG E 13 -7.34 -22.38 -21.70
C ARG E 13 -8.37 -22.63 -22.79
N HIS E 14 -8.96 -23.82 -22.78
CA HIS E 14 -10.00 -24.25 -23.70
C HIS E 14 -11.34 -24.08 -22.98
N PRO E 15 -12.50 -24.00 -23.66
CA PRO E 15 -13.76 -23.89 -22.91
C PRO E 15 -13.93 -25.14 -22.05
N ALA E 16 -14.29 -24.94 -20.78
CA ALA E 16 -14.36 -26.02 -19.79
C ALA E 16 -15.44 -27.06 -20.03
N GLU E 17 -15.01 -28.32 -20.11
CA GLU E 17 -15.86 -29.50 -20.26
C GLU E 17 -15.62 -30.36 -19.03
N ASN E 18 -16.72 -30.82 -18.38
CA ASN E 18 -16.71 -31.64 -17.17
C ASN E 18 -15.95 -32.97 -17.31
N GLY E 19 -15.00 -33.18 -16.42
CA GLY E 19 -14.15 -34.35 -16.39
C GLY E 19 -13.15 -34.42 -17.53
N LYS E 20 -12.82 -33.25 -18.14
CA LYS E 20 -11.84 -33.17 -19.23
C LYS E 20 -10.60 -32.36 -18.85
N SER E 21 -9.39 -32.84 -19.27
CA SER E 21 -8.12 -32.16 -18.97
C SER E 21 -8.00 -30.85 -19.76
N ASN E 22 -8.09 -29.74 -19.02
CA ASN E 22 -8.00 -28.37 -19.49
C ASN E 22 -6.89 -27.70 -18.65
N PHE E 23 -6.83 -26.37 -18.68
CA PHE E 23 -5.85 -25.62 -17.92
C PHE E 23 -6.54 -24.41 -17.33
N LEU E 24 -6.27 -24.15 -16.04
CA LEU E 24 -6.78 -22.97 -15.35
C LEU E 24 -5.67 -21.98 -15.28
N ASN E 25 -6.00 -20.75 -15.67
CA ASN E 25 -5.08 -19.62 -15.75
C ASN E 25 -5.47 -18.45 -14.83
N CYS E 26 -4.44 -17.73 -14.33
CA CYS E 26 -4.56 -16.49 -13.57
C CYS E 26 -3.68 -15.49 -14.33
N TYR E 27 -4.29 -14.43 -14.84
CA TYR E 27 -3.55 -13.43 -15.60
C TYR E 27 -3.55 -12.10 -14.94
N VAL E 28 -2.44 -11.83 -14.22
CA VAL E 28 -2.21 -10.55 -13.55
C VAL E 28 -1.50 -9.64 -14.52
N SER E 29 -2.06 -8.47 -14.77
CA SER E 29 -1.46 -7.51 -15.67
C SER E 29 -1.54 -6.08 -15.15
N GLY E 30 -0.70 -5.21 -15.71
CA GLY E 30 -0.70 -3.78 -15.40
C GLY E 30 -0.34 -3.41 -13.98
N PHE E 31 0.46 -4.26 -13.31
CA PHE E 31 0.92 -4.06 -11.95
C PHE E 31 2.34 -3.50 -11.87
N HIS E 32 2.61 -2.78 -10.77
CA HIS E 32 3.89 -2.17 -10.41
C HIS E 32 3.92 -1.86 -8.93
N PRO E 33 4.92 -2.31 -8.18
CA PRO E 33 6.12 -3.05 -8.59
C PRO E 33 5.91 -4.53 -8.96
N SER E 34 7.03 -5.22 -9.30
CA SER E 34 7.11 -6.59 -9.80
C SER E 34 6.77 -7.68 -8.81
N ASP E 35 6.92 -7.36 -7.52
CA ASP E 35 6.69 -8.28 -6.41
C ASP E 35 5.20 -8.57 -6.26
N ILE E 36 4.85 -9.82 -6.57
CA ILE E 36 3.47 -10.31 -6.54
C ILE E 36 3.41 -11.76 -6.11
N GLU E 37 2.32 -12.12 -5.42
CA GLU E 37 2.00 -13.48 -4.97
C GLU E 37 0.69 -13.87 -5.67
N VAL E 38 0.67 -14.99 -6.39
CA VAL E 38 -0.51 -15.49 -7.11
C VAL E 38 -0.65 -17.01 -6.87
N ASP E 39 -1.81 -17.43 -6.34
CA ASP E 39 -2.12 -18.84 -6.08
C ASP E 39 -3.42 -19.24 -6.72
N LEU E 40 -3.49 -20.48 -7.19
CA LEU E 40 -4.72 -21.04 -7.76
C LEU E 40 -5.30 -21.97 -6.70
N LEU E 41 -6.58 -21.75 -6.36
CA LEU E 41 -7.27 -22.50 -5.29
C LEU E 41 -8.31 -23.51 -5.81
N LYS E 42 -8.55 -24.56 -5.00
CA LYS E 42 -9.52 -25.64 -5.20
C LYS E 42 -10.35 -25.81 -3.92
N ASN E 43 -11.64 -25.47 -4.01
CA ASN E 43 -12.65 -25.53 -2.96
C ASN E 43 -12.37 -24.58 -1.76
N GLY E 44 -11.18 -23.97 -1.75
CA GLY E 44 -10.72 -23.04 -0.73
C GLY E 44 -9.26 -23.20 -0.36
N GLU E 45 -8.59 -24.24 -0.91
CA GLU E 45 -7.18 -24.52 -0.64
C GLU E 45 -6.27 -24.47 -1.90
N ARG E 46 -5.02 -23.99 -1.72
CA ARG E 46 -4.01 -23.79 -2.77
C ARG E 46 -3.57 -25.07 -3.50
N ILE E 47 -2.90 -24.87 -4.67
CA ILE E 47 -2.37 -25.95 -5.50
C ILE E 47 -0.84 -25.87 -5.52
N GLU E 48 -0.19 -26.92 -5.07
CA GLU E 48 1.26 -27.02 -5.03
C GLU E 48 1.88 -27.32 -6.42
N LYS E 49 1.03 -27.53 -7.46
CA LYS E 49 1.43 -27.85 -8.85
C LYS E 49 1.43 -26.67 -9.85
N VAL E 50 1.18 -25.43 -9.36
CA VAL E 50 1.15 -24.17 -10.14
C VAL E 50 2.55 -23.77 -10.63
N GLU E 51 2.64 -23.37 -11.92
CA GLU E 51 3.82 -22.94 -12.67
C GLU E 51 3.48 -21.56 -13.29
N HIS E 52 4.49 -20.76 -13.70
CA HIS E 52 4.18 -19.46 -14.30
C HIS E 52 5.05 -19.07 -15.50
N SER E 53 4.66 -17.96 -16.15
CA SER E 53 5.37 -17.37 -17.29
C SER E 53 6.55 -16.61 -16.72
N ASP E 54 7.46 -16.08 -17.57
CA ASP E 54 8.59 -15.28 -17.07
C ASP E 54 8.14 -13.83 -16.98
N LEU E 55 8.70 -13.08 -16.00
CA LEU E 55 8.40 -11.66 -15.79
C LEU E 55 8.65 -10.93 -17.08
N SER E 56 7.72 -10.07 -17.48
CA SER E 56 7.77 -9.31 -18.72
C SER E 56 6.93 -8.08 -18.50
N PHE E 57 6.87 -7.14 -19.46
CA PHE E 57 6.12 -5.90 -19.27
C PHE E 57 5.64 -5.33 -20.56
N SER E 58 4.70 -4.39 -20.47
CA SER E 58 4.09 -3.70 -21.62
C SER E 58 4.70 -2.29 -21.80
N LYS E 59 4.49 -1.66 -22.98
CA LYS E 59 4.96 -0.32 -23.40
C LYS E 59 5.07 0.68 -22.26
N ASP E 60 4.02 0.77 -21.39
CA ASP E 60 3.92 1.70 -20.25
C ASP E 60 4.67 1.21 -18.96
N TRP E 61 5.64 0.27 -19.13
CA TRP E 61 6.48 -0.32 -18.10
C TRP E 61 5.70 -1.08 -16.98
N SER E 62 4.43 -1.50 -17.24
CA SER E 62 3.65 -2.27 -16.25
C SER E 62 3.76 -3.76 -16.58
N PHE E 63 4.03 -4.60 -15.56
CA PHE E 63 4.26 -6.06 -15.70
C PHE E 63 2.99 -6.89 -15.95
N TYR E 64 3.21 -8.14 -16.40
CA TYR E 64 2.19 -9.14 -16.66
C TYR E 64 2.77 -10.56 -16.43
N LEU E 65 1.96 -11.46 -15.86
CA LEU E 65 2.43 -12.81 -15.57
C LEU E 65 1.29 -13.77 -15.65
N LEU E 66 1.60 -15.01 -16.05
CA LEU E 66 0.59 -16.05 -16.15
C LEU E 66 0.93 -17.29 -15.31
N TYR E 67 0.17 -17.44 -14.22
CA TYR E 67 0.25 -18.59 -13.33
C TYR E 67 -0.87 -19.51 -13.86
N TYR E 68 -0.45 -20.67 -14.40
CA TYR E 68 -1.30 -21.69 -15.00
C TYR E 68 -1.07 -23.04 -14.33
N THR E 69 -2.02 -23.98 -14.53
CA THR E 69 -1.94 -25.35 -14.01
C THR E 69 -2.84 -26.32 -14.78
N GLU E 70 -2.59 -27.63 -14.58
CA GLU E 70 -3.35 -28.78 -15.10
C GLU E 70 -4.66 -28.87 -14.26
N PHE E 71 -5.82 -28.76 -14.90
CA PHE E 71 -7.05 -28.83 -14.13
C PHE E 71 -8.15 -29.52 -14.88
N THR E 72 -8.86 -30.40 -14.18
CA THR E 72 -9.99 -31.16 -14.70
C THR E 72 -11.26 -30.51 -14.09
N PRO E 73 -12.00 -29.68 -14.86
CA PRO E 73 -13.20 -29.04 -14.30
C PRO E 73 -14.30 -30.04 -14.03
N THR E 74 -15.14 -29.76 -13.04
CA THR E 74 -16.28 -30.59 -12.68
C THR E 74 -17.31 -29.71 -11.98
N GLU E 75 -18.62 -29.97 -12.25
CA GLU E 75 -19.81 -29.28 -11.74
C GLU E 75 -19.73 -29.06 -10.21
N LYS E 76 -19.12 -30.04 -9.53
CA LYS E 76 -18.90 -30.09 -8.09
C LYS E 76 -17.92 -29.00 -7.64
N ASP E 77 -16.66 -29.08 -8.16
CA ASP E 77 -15.50 -28.25 -7.83
C ASP E 77 -15.62 -26.74 -8.08
N GLU E 78 -15.06 -25.97 -7.15
CA GLU E 78 -15.01 -24.51 -7.17
C GLU E 78 -13.54 -24.05 -7.18
N TYR E 79 -13.16 -23.28 -8.22
CA TYR E 79 -11.80 -22.80 -8.37
C TYR E 79 -11.72 -21.30 -8.22
N ALA E 80 -10.60 -20.83 -7.67
CA ALA E 80 -10.37 -19.40 -7.47
C ALA E 80 -8.89 -19.06 -7.57
N CYS E 81 -8.59 -17.77 -7.50
CA CYS E 81 -7.22 -17.28 -7.56
C CYS E 81 -7.03 -16.24 -6.49
N ARG E 82 -5.90 -16.30 -5.81
CA ARG E 82 -5.62 -15.37 -4.75
C ARG E 82 -4.42 -14.56 -5.14
N VAL E 83 -4.63 -13.27 -5.32
CA VAL E 83 -3.57 -12.35 -5.69
C VAL E 83 -3.27 -11.39 -4.53
N ASN E 84 -1.99 -11.23 -4.19
CA ASN E 84 -1.58 -10.20 -3.25
C ASN E 84 -0.43 -9.39 -3.83
N HIS E 85 -0.54 -8.07 -3.67
CA HIS E 85 0.36 -7.01 -4.12
C HIS E 85 0.35 -5.86 -3.07
N VAL E 86 1.39 -5.02 -3.08
CA VAL E 86 1.57 -3.83 -2.23
C VAL E 86 0.32 -2.95 -2.27
N THR E 87 -0.28 -2.79 -3.47
CA THR E 87 -1.49 -1.99 -3.72
C THR E 87 -2.74 -2.59 -3.06
N LEU E 88 -2.61 -3.83 -2.55
CA LEU E 88 -3.74 -4.52 -1.92
C LEU E 88 -3.63 -4.57 -0.42
N SER E 89 -4.72 -4.09 0.22
CA SER E 89 -4.97 -4.00 1.66
C SER E 89 -4.84 -5.42 2.25
N GLN E 90 -5.55 -6.37 1.65
CA GLN E 90 -5.52 -7.78 1.98
C GLN E 90 -5.73 -8.61 0.69
N PRO E 91 -5.15 -9.85 0.61
CA PRO E 91 -5.30 -10.66 -0.62
C PRO E 91 -6.70 -10.71 -1.28
N LYS E 92 -6.75 -10.33 -2.56
CA LYS E 92 -7.95 -10.29 -3.38
C LYS E 92 -8.17 -11.66 -3.98
N ILE E 93 -9.38 -12.17 -3.81
CA ILE E 93 -9.76 -13.47 -4.33
C ILE E 93 -10.77 -13.28 -5.45
N VAL E 94 -10.58 -13.98 -6.57
CA VAL E 94 -11.49 -13.94 -7.72
C VAL E 94 -11.87 -15.39 -8.04
N LYS E 95 -13.18 -15.67 -8.09
CA LYS E 95 -13.74 -16.99 -8.37
C LYS E 95 -13.67 -17.29 -9.87
N TRP E 96 -13.34 -18.53 -10.23
CA TRP E 96 -13.36 -18.91 -11.64
C TRP E 96 -14.81 -19.13 -12.09
N ASP E 97 -15.23 -18.41 -13.13
CA ASP E 97 -16.58 -18.50 -13.70
C ASP E 97 -16.43 -19.07 -15.12
N ARG E 98 -16.98 -20.28 -15.34
CA ARG E 98 -16.94 -21.04 -16.61
C ARG E 98 -17.31 -20.21 -17.85
N ASP E 99 -18.30 -19.31 -17.67
CA ASP E 99 -18.85 -18.44 -18.70
C ASP E 99 -18.25 -17.01 -18.66
N MET E 100 -17.58 -16.65 -17.52
CA MET E 100 -16.93 -15.37 -17.16
C MET E 100 -17.94 -14.18 -17.10
N THR F 1 18.59 -11.38 -31.53
CA THR F 1 19.99 -11.14 -31.18
C THR F 1 20.05 -9.98 -30.19
N TYR F 2 20.73 -10.20 -29.06
CA TYR F 2 20.84 -9.20 -28.00
C TYR F 2 21.73 -8.03 -28.38
N GLN F 3 21.64 -6.92 -27.63
CA GLN F 3 22.43 -5.72 -27.83
C GLN F 3 23.59 -5.72 -26.85
N TRP F 4 24.64 -4.94 -27.14
CA TRP F 4 25.78 -4.78 -26.22
C TRP F 4 25.56 -3.54 -25.39
N ILE F 5 24.78 -3.66 -24.29
CA ILE F 5 24.51 -2.55 -23.36
C ILE F 5 25.70 -2.51 -22.42
N ILE F 6 26.72 -1.69 -22.76
CA ILE F 6 28.00 -1.63 -22.03
C ILE F 6 28.33 -0.22 -21.47
N ARG F 7 27.43 0.75 -21.68
CA ARG F 7 27.58 2.12 -21.20
C ARG F 7 26.52 2.36 -20.12
N ASN F 8 26.95 2.87 -18.94
CA ASN F 8 25.99 3.15 -17.86
C ASN F 8 25.49 4.61 -17.93
N TRP F 9 24.51 4.97 -17.07
CA TRP F 9 23.86 6.28 -17.00
C TRP F 9 24.78 7.45 -16.65
N GLU F 10 25.98 7.15 -16.14
CA GLU F 10 27.00 8.05 -15.62
C GLU F 10 28.15 8.26 -16.61
N THR F 11 28.58 7.21 -17.34
CA THR F 11 29.67 7.32 -18.33
C THR F 11 29.21 8.24 -19.51
#